data_8X2K
#
_entry.id   8X2K
#
loop_
_entity.id
_entity.type
_entity.pdbx_description
1 polymer 'Soluble cytochrome b562,G-protein coupled receptor 3'
2 polymer 'Isoform Gnas-2 of Guanine nucleotide-binding protein G(s) subunit alpha isoforms short'
3 polymer 'Guanine nucleotide-binding protein G(I)/G(S)/G(T) subunit beta-1'
4 polymer 'Guanine nucleotide-binding protein G(I)/G(S)/G(O) subunit gamma-2'
5 polymer scfv16
6 non-polymer (Z)-N-(2-hydroxyethyl)octadec-9-enamide
7 water water
#
loop_
_entity_poly.entity_id
_entity_poly.type
_entity_poly.pdbx_seq_one_letter_code
_entity_poly.pdbx_strand_id
1 'polypeptide(L)'
;DYKDDDDKLEVLFQGPGSADLEDNWETLNDNLKVIEKADNAAQVKDALTKMRAAALDAQKATPPKLEDKSPDSPEMKDFR
HGFDILVGQIDDALKLANEGKVKEAQAAAEQLKTTRNAYIQKYLMMWGAGSPLAWLSAGSGNVNVSSVGPAEGPTGPAAP
LPSPKAWDVVLCISGTLVSCENALVVAIIVGTPAFRAPMFLLVGSLAVADLLAGLGLVLHFAAVFCIGSAEMSLVLVGVL
AMAFTASIGSLLAITVDRYLSLYNALTYYSETTVTRTYVMLALVWGGALGLGLLPVLAWNCLDGLTTCGVVYPLSKNHLV
VLAIAFFMVFGIMLQLYAQICRIVCRHAQQIALQRHLLPASHYVATRKGIATLAVVLGAFAACWLPFTVYCLLGDAHSPP
LYTYLTLLPATYNSMINPIIYAFRNQDVQKVLWAVCCCCSSSKIPFRSRSPSDVLEHHHHHHHHHH
;
A
2 'polypeptide(L)'
;MGCTLSAEDKAAVERSKMIEKQLQKDKQVYRATHRLLLLGAGESGKSTIVKQMRILHVNGFNGDSEKATKVQDIKNNLKE
AIETIVAAMSNLVPPVELANPENQFRVDYILSVMNVPDFDFPPEFYEHAKALWEDEGVRACYERSNEYQLIDCAQYFLDK
IDVIKQADYVPSDQDLLRCRVLTSGIFETKFQVDKVNFHMFDVGGQRDERRKWIQCFNDVTAIIFVVASSSYNMVIREDN
QTNRLQEALNLFKSIWNNRWLRTISVILFLNKQDLLAEKVLAGKSKIEDYFPEFARYTTPEDATPEPGEDPRVTRAKYFI
RDEFLRISTASGDGRHYCYPHFTCAVDTENIRRVFNDCRDIIQRMHLRQYELL
;
B
3 'polypeptide(L)'
;HHHHHHLEVLFQGPGSSGSELDQLRQEAEQLKNQIRDARKACADATLSQITNNIDPVGRIQMRTRRTLRGHLAKIYAMHW
GTDSRLLVSASQDGKLIIWDSYTTNKVHAIPLRSSWVMTCAYAPSGNYVACGGLDNICSIYNLKTREGNVRVSRELAGHT
GYLSCCRFLDDNQIVTSSGDTTCALWDIETGQQTTTFTGHTGDVMSLSLAPDTRLFVSGACDASAKLWDVREGMCRQTFT
GHESDINAICFFPNGNAFATGSDDATCRLFDLRADQELMTYSHDNIICGITSVSFSKSGRLLLAGYDDFNCNVWDALKAD
RAGVLAGHDNRVSCLGVTDDGMAVATGSWDSFLKIWN
;
C
4 'polypeptide(L)' MASNNTASIAQARKLVEQLKMEANIDRIKVSKAAADLMAYCEAHAKEDPLLTPVPASENPFREKKFFCAIL D
5 'polypeptide(L)'
;DVQLVESGGGLVQPGGSRKLSCSASGFAFSSFGMHWVRQAPEKGLEWVAYISSGSGTIYYADTVKGRFTISRDDPKNTLF
LQMTSLRSEDTAMYYCVRSIYYYGSSPFDFWGQGTTLTVSSGGGGSGGGGSGGGGSDIVMTQATSSVPVTPGLSVSISCR
SSKSLLHSNGNTYLYWFLQRPGQSPQLLIYRMSNLASGVPDRFSGSGSGTAFTLTISRLEAEDVGVYYCMQHLEYPLTFG
AGTKLELKGSLEVLFQGPAAA
;
E
#
loop_
_chem_comp.id
_chem_comp.type
_chem_comp.name
_chem_comp.formula
5YM non-polymer (Z)-N-(2-hydroxyethyl)octadec-9-enamide 'C20 H39 N O2'
#
# COMPACT_ATOMS: atom_id res chain seq x y z
N ALA A 166 27.76 -48.63 14.43
CA ALA A 166 27.46 -47.99 13.15
C ALA A 166 26.36 -46.96 13.30
N TRP A 167 26.30 -46.33 14.48
CA TRP A 167 25.30 -45.30 14.72
C TRP A 167 25.54 -44.05 13.87
N ASP A 168 26.71 -43.94 13.25
CA ASP A 168 27.00 -42.78 12.42
C ASP A 168 25.96 -42.63 11.31
N VAL A 169 25.43 -43.72 10.79
CA VAL A 169 24.39 -43.64 9.77
C VAL A 169 23.14 -42.99 10.35
N VAL A 170 22.77 -43.38 11.57
CA VAL A 170 21.61 -42.77 12.22
C VAL A 170 21.85 -41.28 12.43
N LEU A 171 23.07 -40.91 12.86
CA LEU A 171 23.38 -39.51 13.04
C LEU A 171 23.26 -38.75 11.73
N CYS A 172 23.75 -39.34 10.64
CA CYS A 172 23.70 -38.68 9.34
C CYS A 172 22.26 -38.48 8.88
N ILE A 173 21.41 -39.50 9.02
CA ILE A 173 20.03 -39.37 8.57
C ILE A 173 19.28 -38.37 9.44
N SER A 174 19.58 -38.34 10.74
CA SER A 174 18.96 -37.34 11.60
C SER A 174 19.37 -35.93 11.18
N GLY A 175 20.66 -35.75 10.85
CA GLY A 175 21.10 -34.46 10.34
C GLY A 175 20.41 -34.08 9.04
N THR A 176 20.22 -35.06 8.15
CA THR A 176 19.53 -34.77 6.90
C THR A 176 18.10 -34.33 7.15
N LEU A 177 17.39 -35.01 8.06
CA LEU A 177 16.01 -34.62 8.36
C LEU A 177 15.96 -33.22 8.99
N VAL A 178 16.88 -32.94 9.92
CA VAL A 178 16.93 -31.62 10.54
C VAL A 178 17.16 -30.56 9.47
N SER A 179 18.10 -30.83 8.55
CA SER A 179 18.39 -29.88 7.49
C SER A 179 17.18 -29.67 6.60
N CYS A 180 16.46 -30.74 6.28
CA CYS A 180 15.27 -30.59 5.44
C CYS A 180 14.24 -29.70 6.12
N GLU A 181 13.97 -29.94 7.41
CA GLU A 181 12.98 -29.12 8.11
C GLU A 181 13.39 -27.65 8.14
N ASN A 182 14.67 -27.39 8.49
CA ASN A 182 15.10 -26.00 8.61
C ASN A 182 15.19 -25.34 7.24
N ALA A 183 15.50 -26.10 6.20
CA ALA A 183 15.47 -25.54 4.84
C ALA A 183 14.06 -25.14 4.45
N LEU A 184 13.07 -25.97 4.78
CA LEU A 184 11.69 -25.60 4.53
C LEU A 184 11.33 -24.32 5.27
N VAL A 185 11.73 -24.21 6.54
CA VAL A 185 11.44 -23.02 7.32
C VAL A 185 12.08 -21.79 6.68
N VAL A 186 13.35 -21.91 6.28
CA VAL A 186 14.05 -20.77 5.71
C VAL A 186 13.41 -20.36 4.39
N ALA A 187 13.02 -21.34 3.57
CA ALA A 187 12.38 -21.02 2.30
C ALA A 187 11.06 -20.28 2.54
N ILE A 188 10.25 -20.77 3.49
CA ILE A 188 8.98 -20.11 3.77
C ILE A 188 9.22 -18.68 4.24
N ILE A 189 10.19 -18.49 5.14
CA ILE A 189 10.41 -17.16 5.69
C ILE A 189 10.92 -16.20 4.61
N VAL A 190 11.90 -16.64 3.82
CA VAL A 190 12.50 -15.76 2.83
C VAL A 190 11.51 -15.44 1.71
N GLY A 191 10.71 -16.43 1.31
CA GLY A 191 9.85 -16.22 0.15
C GLY A 191 8.88 -15.07 0.33
N THR A 192 8.27 -14.96 1.51
CA THR A 192 7.28 -13.92 1.76
C THR A 192 7.97 -12.64 2.20
N PRO A 193 7.84 -11.53 1.46
CA PRO A 193 8.43 -10.28 1.93
C PRO A 193 7.72 -9.67 3.12
N ALA A 194 6.54 -10.16 3.49
CA ALA A 194 5.82 -9.60 4.62
C ALA A 194 6.49 -9.96 5.95
N PHE A 195 7.09 -11.15 6.03
CA PHE A 195 7.72 -11.63 7.26
C PHE A 195 9.10 -11.01 7.39
N ARG A 196 9.12 -9.79 7.94
CA ARG A 196 10.38 -9.11 8.24
C ARG A 196 10.36 -8.45 9.61
N ALA A 197 9.44 -8.84 10.49
CA ALA A 197 9.41 -8.32 11.84
C ALA A 197 10.51 -8.96 12.68
N PRO A 198 10.87 -8.34 13.81
CA PRO A 198 11.96 -8.90 14.63
C PRO A 198 11.75 -10.36 15.01
N MET A 199 10.52 -10.75 15.35
CA MET A 199 10.26 -12.14 15.66
C MET A 199 10.64 -13.05 14.51
N PHE A 200 10.28 -12.66 13.29
CA PHE A 200 10.59 -13.47 12.13
C PHE A 200 12.08 -13.50 11.87
N LEU A 201 12.78 -12.39 12.10
CA LEU A 201 14.23 -12.38 11.92
C LEU A 201 14.90 -13.36 12.88
N LEU A 202 14.47 -13.35 14.15
CA LEU A 202 15.07 -14.26 15.12
C LEU A 202 14.73 -15.72 14.82
N VAL A 203 13.49 -15.99 14.41
CA VAL A 203 13.12 -17.36 14.05
C VAL A 203 13.92 -17.84 12.86
N GLY A 204 14.10 -16.97 11.86
CA GLY A 204 14.92 -17.34 10.72
C GLY A 204 16.37 -17.57 11.10
N SER A 205 16.88 -16.78 12.04
CA SER A 205 18.25 -17.01 12.53
C SER A 205 18.37 -18.39 13.16
N LEU A 206 17.40 -18.76 14.00
CA LEU A 206 17.42 -20.09 14.60
C LEU A 206 17.36 -21.18 13.55
N ALA A 207 16.49 -21.02 12.55
CA ALA A 207 16.36 -22.02 11.50
C ALA A 207 17.65 -22.16 10.70
N VAL A 208 18.29 -21.03 10.39
CA VAL A 208 19.55 -21.07 9.64
C VAL A 208 20.63 -21.77 10.45
N ALA A 209 20.71 -21.47 11.75
CA ALA A 209 21.72 -22.13 12.57
C ALA A 209 21.49 -23.63 12.63
N ASP A 210 20.23 -24.06 12.78
CA ASP A 210 19.94 -25.49 12.78
C ASP A 210 20.29 -26.14 11.46
N LEU A 211 19.97 -25.48 10.35
CA LEU A 211 20.30 -26.02 9.03
C LEU A 211 21.80 -26.15 8.87
N LEU A 212 22.56 -25.14 9.31
CA LEU A 212 24.01 -25.21 9.21
C LEU A 212 24.56 -26.36 10.04
N ALA A 213 24.00 -26.56 11.24
CA ALA A 213 24.43 -27.69 12.07
C ALA A 213 24.17 -29.02 11.36
N GLY A 214 22.98 -29.18 10.77
CA GLY A 214 22.69 -30.42 10.07
C GLY A 214 23.61 -30.66 8.89
N LEU A 215 23.86 -29.61 8.09
CA LEU A 215 24.75 -29.74 6.96
C LEU A 215 26.16 -30.11 7.43
N GLY A 216 26.63 -29.48 8.51
CA GLY A 216 27.93 -29.84 9.05
C GLY A 216 27.99 -31.29 9.46
N LEU A 217 26.88 -31.82 9.94
CA LEU A 217 26.90 -33.19 10.51
C LEU A 217 26.89 -34.17 9.35
N VAL A 218 26.21 -33.81 8.25
CA VAL A 218 26.21 -34.64 7.06
C VAL A 218 27.59 -34.63 6.39
N LEU A 219 28.19 -33.44 6.28
CA LEU A 219 29.50 -33.34 5.66
C LEU A 219 30.55 -34.10 6.46
N HIS A 220 30.45 -34.12 7.79
CA HIS A 220 31.51 -34.81 8.56
C HIS A 220 31.29 -36.29 8.42
N PHE A 221 30.05 -36.76 8.37
CA PHE A 221 29.85 -38.19 8.13
C PHE A 221 30.40 -38.60 6.78
N ALA A 222 30.12 -37.80 5.74
CA ALA A 222 30.64 -38.12 4.40
C ALA A 222 32.16 -38.12 4.40
N ALA A 223 32.77 -37.14 5.06
CA ALA A 223 34.23 -37.06 5.08
C ALA A 223 34.84 -38.28 5.77
N VAL A 224 34.39 -38.59 6.99
CA VAL A 224 34.94 -39.74 7.70
C VAL A 224 34.52 -41.06 7.09
N PHE A 225 33.58 -41.05 6.14
CA PHE A 225 33.17 -42.27 5.46
C PHE A 225 33.83 -42.45 4.10
N CYS A 226 34.06 -41.38 3.34
CA CYS A 226 34.63 -41.47 2.01
C CYS A 226 35.96 -40.76 1.88
N ILE A 227 36.04 -39.48 2.23
CA ILE A 227 37.23 -38.66 2.04
C ILE A 227 37.95 -38.59 3.38
N GLY A 228 38.91 -39.48 3.59
CA GLY A 228 39.63 -39.52 4.85
C GLY A 228 40.64 -38.38 4.99
N SER A 229 40.14 -37.16 5.10
CA SER A 229 40.97 -35.97 5.25
C SER A 229 40.86 -35.47 6.68
N ALA A 230 42.01 -35.30 7.34
CA ALA A 230 42.00 -34.82 8.72
C ALA A 230 41.62 -33.35 8.80
N GLU A 231 42.07 -32.55 7.83
CA GLU A 231 41.76 -31.12 7.86
C GLU A 231 40.26 -30.88 7.73
N MET A 232 39.59 -31.64 6.85
CA MET A 232 38.15 -31.48 6.70
C MET A 232 37.42 -31.83 7.98
N SER A 233 37.80 -32.93 8.63
CA SER A 233 37.17 -33.30 9.88
C SER A 233 37.41 -32.24 10.94
N LEU A 234 38.63 -31.72 11.02
CA LEU A 234 38.93 -30.67 12.00
C LEU A 234 38.15 -29.39 11.75
N VAL A 235 37.91 -29.04 10.49
CA VAL A 235 37.11 -27.86 10.20
C VAL A 235 35.64 -28.10 10.53
N LEU A 236 35.13 -29.29 10.22
CA LEU A 236 33.70 -29.54 10.42
C LEU A 236 33.37 -29.74 11.90
N VAL A 237 34.29 -30.29 12.71
CA VAL A 237 34.12 -30.46 14.19
C VAL A 237 34.35 -29.12 14.85
N GLY A 238 34.49 -28.04 14.11
CA GLY A 238 34.38 -26.68 14.63
C GLY A 238 33.14 -25.99 14.10
N VAL A 239 32.81 -26.30 12.84
CA VAL A 239 31.58 -25.77 12.26
C VAL A 239 30.37 -26.25 13.06
N LEU A 240 30.34 -27.52 13.47
CA LEU A 240 29.17 -28.02 14.20
C LEU A 240 29.18 -27.37 15.56
N ALA A 241 30.31 -26.88 16.02
CA ALA A 241 30.40 -26.31 17.38
C ALA A 241 29.92 -24.89 17.33
N MET A 242 30.13 -24.18 16.25
CA MET A 242 29.59 -22.86 15.96
C MET A 242 28.09 -22.92 15.72
N ALA A 243 27.64 -23.91 14.96
CA ALA A 243 26.22 -24.02 14.67
C ALA A 243 25.40 -24.25 15.93
N PHE A 244 25.78 -25.20 16.79
CA PHE A 244 25.07 -25.54 18.05
C PHE A 244 25.42 -24.55 19.17
N THR A 245 25.91 -23.36 18.88
CA THR A 245 26.16 -22.29 19.87
C THR A 245 25.36 -21.12 19.31
N ALA A 246 25.24 -21.01 17.98
CA ALA A 246 24.31 -20.05 17.40
C ALA A 246 22.86 -20.47 17.61
N SER A 247 22.57 -21.76 17.46
CA SER A 247 21.21 -22.24 17.69
C SER A 247 20.77 -22.09 19.13
N ILE A 248 21.65 -22.19 20.13
CA ILE A 248 21.27 -22.13 21.57
C ILE A 248 21.47 -20.70 22.03
N GLY A 249 21.49 -19.77 21.11
CA GLY A 249 21.73 -18.35 21.44
C GLY A 249 20.64 -17.63 20.73
N SER A 250 20.13 -18.26 19.70
CA SER A 250 18.90 -17.79 19.07
C SER A 250 17.71 -17.96 20.01
N LEU A 251 17.67 -19.05 20.77
CA LEU A 251 16.58 -19.26 21.72
C LEU A 251 16.59 -18.19 22.79
N LEU A 252 17.75 -17.89 23.36
CA LEU A 252 17.88 -16.88 24.44
C LEU A 252 17.60 -15.54 23.85
N ALA A 253 17.40 -15.44 22.56
CA ALA A 253 17.24 -14.11 21.92
C ALA A 253 15.77 -13.97 21.74
N ILE A 254 15.20 -15.06 21.29
CA ILE A 254 13.75 -15.13 21.11
C ILE A 254 13.04 -14.93 22.45
N THR A 255 13.55 -15.54 23.51
CA THR A 255 12.91 -15.39 24.82
C THR A 255 13.00 -13.95 25.32
N VAL A 256 14.07 -13.21 25.08
CA VAL A 256 14.24 -11.80 25.53
C VAL A 256 13.41 -10.91 24.63
N ASP A 257 13.14 -11.34 23.41
CA ASP A 257 12.17 -10.63 22.59
C ASP A 257 10.75 -10.81 23.12
N ARG A 258 10.39 -12.04 23.49
CA ARG A 258 9.06 -12.29 24.04
C ARG A 258 8.85 -11.51 25.33
N TYR A 259 9.79 -11.35 26.21
CA TYR A 259 9.56 -10.71 27.52
C TYR A 259 9.52 -9.24 27.37
N LEU A 260 10.15 -8.65 26.39
CA LEU A 260 10.02 -7.18 26.19
C LEU A 260 8.82 -6.88 25.29
N SER A 261 8.34 -7.82 24.50
CA SER A 261 7.09 -7.53 23.81
C SER A 261 5.90 -7.50 24.77
N LEU A 262 6.08 -7.93 26.02
CA LEU A 262 5.07 -7.81 27.06
C LEU A 262 5.39 -6.73 28.07
N TYR A 263 6.60 -6.60 28.49
CA TYR A 263 6.97 -5.50 29.41
C TYR A 263 6.78 -4.16 28.72
N ASN A 264 6.88 -4.10 27.40
CA ASN A 264 6.78 -2.86 26.64
C ASN A 264 5.75 -3.01 25.53
N ALA A 265 4.55 -3.47 25.90
CA ALA A 265 3.53 -3.78 24.91
C ALA A 265 3.19 -2.59 24.03
N LEU A 266 3.22 -1.37 24.59
CA LEU A 266 2.79 -0.20 23.83
C LEU A 266 3.87 0.26 22.85
N THR A 267 5.11 0.38 23.32
CA THR A 267 6.21 0.89 22.51
C THR A 267 6.92 -0.20 21.71
N TYR A 268 6.37 -1.42 21.70
CA TYR A 268 7.02 -2.52 21.00
C TYR A 268 7.08 -2.31 19.50
N TYR A 269 6.28 -1.40 18.95
CA TYR A 269 6.23 -1.19 17.50
C TYR A 269 6.96 0.08 17.08
N SER A 270 7.91 0.54 17.88
CA SER A 270 8.79 1.63 17.50
C SER A 270 9.99 1.06 16.75
N GLU A 271 11.00 1.88 16.53
CA GLU A 271 12.20 1.44 15.81
C GLU A 271 13.30 0.94 16.73
N THR A 272 13.26 1.28 18.02
CA THR A 272 14.29 0.82 18.94
C THR A 272 14.31 -0.70 19.02
N THR A 273 13.17 -1.35 18.81
CA THR A 273 13.13 -2.81 18.84
C THR A 273 13.96 -3.40 17.70
N VAL A 274 13.93 -2.76 16.53
CA VAL A 274 14.76 -3.24 15.42
C VAL A 274 16.24 -3.11 15.75
N THR A 275 16.62 -1.99 16.37
CA THR A 275 18.01 -1.81 16.79
C THR A 275 18.41 -2.89 17.79
N ARG A 276 17.54 -3.26 18.72
CA ARG A 276 17.94 -4.24 19.73
C ARG A 276 17.98 -5.60 19.05
N THR A 277 17.12 -5.85 18.10
CA THR A 277 17.19 -7.12 17.40
C THR A 277 18.51 -7.25 16.65
N TYR A 278 18.93 -6.19 15.97
CA TYR A 278 20.21 -6.24 15.27
C TYR A 278 21.36 -6.45 16.25
N VAL A 279 21.31 -5.76 17.39
CA VAL A 279 22.36 -5.93 18.40
C VAL A 279 22.40 -7.38 18.88
N MET A 280 21.27 -7.99 19.20
CA MET A 280 21.20 -9.40 19.68
C MET A 280 21.73 -10.31 18.59
N LEU A 281 21.32 -10.12 17.35
CA LEU A 281 21.80 -11.01 16.30
C LEU A 281 23.32 -10.91 16.15
N ALA A 282 23.85 -9.69 16.17
CA ALA A 282 25.29 -9.51 16.05
C ALA A 282 26.01 -10.17 17.21
N LEU A 283 25.53 -10.03 18.44
CA LEU A 283 26.17 -10.63 19.65
C LEU A 283 25.85 -12.12 19.78
N VAL A 284 25.11 -12.73 18.85
CA VAL A 284 24.72 -14.16 18.92
C VAL A 284 25.71 -14.76 17.99
N TRP A 285 25.93 -14.10 16.84
CA TRP A 285 26.82 -14.68 15.84
C TRP A 285 28.29 -14.40 16.17
N GLY A 286 28.60 -13.25 16.77
CA GLY A 286 29.95 -13.02 17.24
C GLY A 286 30.38 -14.03 18.28
N GLY A 287 29.48 -14.50 19.12
CA GLY A 287 29.84 -15.56 20.09
C GLY A 287 29.91 -16.94 19.47
N ALA A 288 29.05 -17.30 18.53
CA ALA A 288 29.20 -18.59 17.84
C ALA A 288 30.55 -18.59 17.14
N LEU A 289 30.98 -17.45 16.57
CA LEU A 289 32.29 -17.52 15.93
C LEU A 289 33.40 -17.59 16.97
N GLY A 290 33.29 -16.80 18.04
CA GLY A 290 34.36 -16.78 19.03
C GLY A 290 34.52 -18.12 19.74
N LEU A 291 33.41 -18.80 20.09
CA LEU A 291 33.46 -20.13 20.73
C LEU A 291 33.27 -21.27 19.72
N GLY A 292 33.45 -21.01 18.44
CA GLY A 292 33.49 -22.08 17.46
C GLY A 292 34.78 -22.13 16.67
N LEU A 293 35.70 -21.19 16.93
CA LEU A 293 36.99 -21.20 16.26
C LEU A 293 38.08 -21.87 17.09
N LEU A 294 37.84 -22.03 18.39
CA LEU A 294 38.83 -22.71 19.23
C LEU A 294 39.18 -24.10 18.74
N PRO A 295 38.23 -24.93 18.28
CA PRO A 295 38.59 -26.30 17.88
C PRO A 295 39.64 -26.35 16.79
N VAL A 296 39.85 -25.28 16.03
CA VAL A 296 40.84 -25.22 14.97
C VAL A 296 41.95 -24.24 15.30
N LEU A 297 41.60 -23.03 15.73
CA LEU A 297 42.58 -21.96 15.82
C LEU A 297 43.39 -22.01 17.12
N ALA A 298 42.70 -21.88 18.27
CA ALA A 298 43.41 -21.61 19.51
C ALA A 298 44.01 -22.87 20.12
N TRP A 299 43.17 -23.83 20.50
CA TRP A 299 43.61 -25.02 21.21
C TRP A 299 42.98 -26.25 20.59
N ASN A 300 43.80 -27.29 20.39
CA ASN A 300 43.36 -28.54 19.80
C ASN A 300 43.90 -29.70 20.64
N CYS A 301 43.62 -30.93 20.19
CA CYS A 301 44.12 -32.14 20.83
C CYS A 301 45.25 -32.78 20.06
N LEU A 302 45.62 -32.25 18.89
CA LEU A 302 46.65 -32.89 18.08
C LEU A 302 47.98 -32.96 18.82
N ASP A 303 48.36 -31.87 19.48
CA ASP A 303 49.62 -31.82 20.21
C ASP A 303 49.53 -30.72 21.25
N GLY A 304 50.45 -30.78 22.22
CA GLY A 304 50.53 -29.81 23.29
C GLY A 304 50.17 -30.36 24.65
N LEU A 305 49.42 -31.46 24.70
CA LEU A 305 49.04 -32.10 25.96
C LEU A 305 48.35 -31.09 26.88
N THR A 306 47.18 -30.62 26.44
CA THR A 306 46.41 -29.61 27.14
C THR A 306 45.13 -30.19 27.72
N THR A 307 45.21 -31.40 28.28
CA THR A 307 44.06 -32.06 28.89
C THR A 307 42.93 -32.27 27.87
N CYS A 308 43.24 -33.11 26.89
CA CYS A 308 42.31 -33.34 25.78
C CYS A 308 40.96 -33.81 26.30
N GLY A 309 39.89 -33.27 25.70
CA GLY A 309 38.54 -33.51 26.16
C GLY A 309 37.95 -34.81 25.62
N VAL A 310 36.64 -34.94 25.81
CA VAL A 310 35.95 -36.18 25.43
C VAL A 310 36.01 -36.38 23.93
N VAL A 311 35.63 -35.31 23.19
CA VAL A 311 35.52 -35.32 21.70
C VAL A 311 36.90 -35.41 21.04
N TYR A 312 37.03 -36.02 19.86
CA TYR A 312 38.36 -36.28 19.24
C TYR A 312 39.35 -35.11 19.24
N PRO A 313 39.06 -33.93 18.66
CA PRO A 313 40.08 -32.90 18.56
C PRO A 313 39.97 -31.64 19.45
N LEU A 314 39.20 -31.67 20.53
CA LEU A 314 38.95 -30.41 21.29
C LEU A 314 39.37 -30.54 22.74
N SER A 315 39.89 -29.46 23.30
CA SER A 315 40.42 -29.49 24.66
C SER A 315 39.29 -29.57 25.68
N LYS A 316 39.64 -30.04 26.87
CA LYS A 316 38.66 -30.14 27.95
C LYS A 316 38.20 -28.76 28.41
N ASN A 317 39.11 -27.79 28.44
CA ASN A 317 38.76 -26.45 28.91
C ASN A 317 37.67 -25.83 28.04
N HIS A 318 37.77 -26.00 26.72
CA HIS A 318 36.76 -25.45 25.82
C HIS A 318 35.39 -26.06 26.09
N LEU A 319 35.41 -27.40 26.26
CA LEU A 319 34.17 -28.15 26.52
C LEU A 319 33.62 -27.89 27.94
N VAL A 320 34.36 -27.41 28.92
CA VAL A 320 33.88 -26.90 30.21
C VAL A 320 33.30 -25.50 30.04
N VAL A 321 33.97 -24.65 29.24
CA VAL A 321 33.46 -23.31 29.00
C VAL A 321 32.09 -23.37 28.31
N LEU A 322 32.03 -24.25 27.31
CA LEU A 322 30.79 -24.49 26.56
C LEU A 322 29.93 -25.49 27.32
N ALA A 323 29.81 -25.36 28.64
CA ALA A 323 28.90 -26.16 29.46
C ALA A 323 28.53 -25.18 30.53
N ILE A 324 29.45 -24.32 30.90
CA ILE A 324 29.13 -23.20 31.78
C ILE A 324 28.24 -22.20 31.05
N ALA A 325 28.34 -22.16 29.71
CA ALA A 325 27.41 -21.31 28.95
C ALA A 325 26.02 -21.94 28.91
N PHE A 326 25.87 -23.20 28.50
CA PHE A 326 24.52 -23.76 28.40
C PHE A 326 23.90 -23.80 29.78
N PHE A 327 24.68 -23.51 30.80
CA PHE A 327 23.97 -23.42 32.08
C PHE A 327 23.52 -21.99 32.37
N MET A 328 24.39 -21.02 32.11
CA MET A 328 24.00 -19.63 32.33
C MET A 328 22.84 -19.23 31.43
N VAL A 329 22.81 -19.71 30.18
CA VAL A 329 21.78 -19.36 29.15
C VAL A 329 20.51 -20.10 29.39
N PHE A 330 20.54 -21.18 30.15
CA PHE A 330 19.32 -21.82 30.61
C PHE A 330 18.77 -21.13 31.84
N GLY A 331 19.64 -20.74 32.77
CA GLY A 331 19.17 -20.02 33.94
C GLY A 331 18.46 -18.73 33.59
N ILE A 332 19.06 -17.86 32.79
CA ILE A 332 18.37 -16.62 32.35
C ILE A 332 17.08 -16.97 31.63
N MET A 333 17.06 -17.93 30.73
CA MET A 333 15.83 -18.22 30.01
C MET A 333 14.71 -18.61 30.97
N LEU A 334 15.03 -19.46 31.95
CA LEU A 334 14.04 -19.88 32.92
C LEU A 334 13.56 -18.71 33.77
N GLN A 335 14.47 -17.81 34.16
CA GLN A 335 14.06 -16.63 34.91
C GLN A 335 13.09 -15.77 34.11
N LEU A 336 13.38 -15.49 32.86
CA LEU A 336 12.52 -14.65 32.06
C LEU A 336 11.20 -15.36 31.88
N TYR A 337 11.09 -16.68 31.68
CA TYR A 337 9.78 -17.32 31.56
C TYR A 337 9.01 -17.29 32.88
N ALA A 338 9.70 -17.36 34.02
CA ALA A 338 9.01 -17.16 35.29
C ALA A 338 8.36 -15.79 35.34
N GLN A 339 9.11 -14.75 34.92
CA GLN A 339 8.54 -13.41 34.91
C GLN A 339 7.34 -13.31 33.97
N ILE A 340 7.38 -14.02 32.84
CA ILE A 340 6.24 -14.01 31.92
C ILE A 340 5.01 -14.67 32.56
N CYS A 341 5.21 -15.82 33.21
CA CYS A 341 4.10 -16.46 33.91
C CYS A 341 3.52 -15.54 34.98
N ARG A 342 4.36 -14.71 35.58
CA ARG A 342 3.86 -13.74 36.55
C ARG A 342 2.72 -12.91 35.98
N ILE A 343 2.81 -12.53 34.70
CA ILE A 343 1.78 -11.72 34.08
C ILE A 343 0.64 -12.58 33.57
N VAL A 344 0.97 -13.76 33.05
CA VAL A 344 -0.07 -14.64 32.51
C VAL A 344 -1.07 -15.00 33.60
N CYS A 345 -0.59 -15.23 34.82
CA CYS A 345 -1.50 -15.58 35.91
C CYS A 345 -2.45 -14.43 36.22
N ARG A 346 -1.95 -13.20 36.26
CA ARG A 346 -2.81 -12.06 36.53
C ARG A 346 -3.89 -11.93 35.47
N HIS A 347 -3.50 -12.04 34.20
CA HIS A 347 -4.49 -11.89 33.13
C HIS A 347 -5.52 -13.02 33.18
N ALA A 348 -5.08 -14.24 33.46
CA ALA A 348 -6.02 -15.36 33.54
C ALA A 348 -7.01 -15.15 34.69
N GLN A 349 -6.53 -14.67 35.83
CA GLN A 349 -7.42 -14.39 36.95
C GLN A 349 -8.44 -13.32 36.58
N GLN A 350 -7.99 -12.25 35.93
CA GLN A 350 -8.91 -11.19 35.53
C GLN A 350 -9.96 -11.71 34.56
N ILE A 351 -9.56 -12.54 33.60
CA ILE A 351 -10.52 -13.08 32.64
C ILE A 351 -11.53 -13.97 33.35
N ALA A 352 -11.06 -14.82 34.28
CA ALA A 352 -11.96 -15.76 34.93
C ALA A 352 -12.89 -15.07 35.91
N LEU A 353 -12.51 -13.91 36.43
CA LEU A 353 -13.37 -13.20 37.37
C LEU A 353 -14.77 -12.97 36.79
N GLN A 354 -14.85 -12.28 35.66
CA GLN A 354 -16.13 -11.88 35.09
C GLN A 354 -16.71 -12.89 34.11
N ARG A 355 -16.13 -14.09 34.03
CA ARG A 355 -16.66 -15.15 33.18
C ARG A 355 -17.69 -16.02 33.90
N HIS A 356 -17.88 -15.81 35.20
CA HIS A 356 -18.86 -16.58 35.96
C HIS A 356 -20.16 -15.79 36.08
N THR A 366 -5.53 -22.40 32.46
CA THR A 366 -4.29 -22.83 33.12
C THR A 366 -3.59 -23.92 32.31
N ARG A 367 -4.39 -24.75 31.63
CA ARG A 367 -3.82 -25.87 30.89
C ARG A 367 -2.93 -25.39 29.77
N LYS A 368 -3.34 -24.35 29.04
CA LYS A 368 -2.58 -23.90 27.89
C LYS A 368 -1.21 -23.37 28.31
N GLY A 369 -1.16 -22.50 29.30
CA GLY A 369 0.11 -21.95 29.73
C GLY A 369 1.06 -23.00 30.25
N ILE A 370 0.56 -23.89 31.11
CA ILE A 370 1.41 -24.94 31.68
C ILE A 370 1.92 -25.85 30.58
N ALA A 371 1.05 -26.27 29.67
CA ALA A 371 1.47 -27.17 28.60
C ALA A 371 2.52 -26.50 27.73
N THR A 372 2.29 -25.26 27.33
CA THR A 372 3.24 -24.58 26.45
C THR A 372 4.58 -24.38 27.13
N LEU A 373 4.56 -23.93 28.39
CA LEU A 373 5.82 -23.72 29.10
C LEU A 373 6.56 -25.03 29.28
N ALA A 374 5.87 -26.11 29.63
CA ALA A 374 6.54 -27.40 29.80
C ALA A 374 7.14 -27.88 28.48
N VAL A 375 6.41 -27.74 27.38
CA VAL A 375 6.93 -28.21 26.10
C VAL A 375 8.16 -27.40 25.68
N VAL A 376 8.10 -26.07 25.84
CA VAL A 376 9.16 -25.23 25.32
C VAL A 376 10.33 -25.08 26.29
N LEU A 377 10.20 -25.53 27.54
CA LEU A 377 11.28 -25.42 28.50
C LEU A 377 11.77 -26.76 29.03
N GLY A 378 11.11 -27.86 28.72
CA GLY A 378 11.56 -29.18 29.13
C GLY A 378 12.29 -29.87 28.00
N ALA A 379 11.79 -29.69 26.77
CA ALA A 379 12.49 -30.24 25.61
C ALA A 379 13.87 -29.62 25.47
N PHE A 380 13.98 -28.31 25.71
CA PHE A 380 15.29 -27.66 25.64
C PHE A 380 16.22 -28.22 26.70
N ALA A 381 15.73 -28.40 27.92
CA ALA A 381 16.57 -28.92 29.00
C ALA A 381 16.90 -30.39 28.80
N ALA A 382 15.90 -31.20 28.49
CA ALA A 382 16.06 -32.65 28.40
C ALA A 382 16.75 -33.08 27.12
N CYS A 383 17.34 -32.16 26.38
CA CYS A 383 18.11 -32.48 25.19
C CYS A 383 19.55 -31.99 25.28
N TRP A 384 19.77 -30.95 26.07
CA TRP A 384 21.12 -30.39 26.17
C TRP A 384 21.69 -30.55 27.59
N LEU A 385 20.98 -31.13 28.55
CA LEU A 385 21.56 -31.45 29.84
C LEU A 385 22.40 -32.72 29.80
N PRO A 386 21.98 -33.76 29.06
CA PRO A 386 22.80 -34.99 29.00
C PRO A 386 24.22 -34.73 28.51
N PHE A 387 24.40 -34.19 27.29
CA PHE A 387 25.76 -33.84 26.81
C PHE A 387 26.43 -32.86 27.75
N THR A 388 25.79 -31.78 28.10
CA THR A 388 26.41 -30.74 28.95
C THR A 388 26.87 -31.33 30.28
N VAL A 389 26.31 -32.45 30.73
CA VAL A 389 26.81 -33.09 31.94
C VAL A 389 27.91 -34.09 31.61
N TYR A 390 27.79 -34.79 30.48
CA TYR A 390 28.85 -35.70 30.07
C TYR A 390 30.16 -34.96 29.85
N CYS A 391 30.09 -33.77 29.24
CA CYS A 391 31.28 -33.00 28.96
C CYS A 391 32.00 -32.53 30.23
N LEU A 392 31.35 -32.62 31.39
CA LEU A 392 31.97 -32.24 32.65
C LEU A 392 32.40 -33.44 33.49
N LEU A 393 31.93 -34.64 33.17
CA LEU A 393 32.22 -35.84 33.95
C LEU A 393 32.76 -36.94 33.06
N GLY A 394 33.73 -36.61 32.21
CA GLY A 394 34.27 -37.61 31.30
C GLY A 394 35.60 -37.19 30.73
N ASP A 395 36.34 -38.17 30.24
CA ASP A 395 37.63 -37.94 29.58
C ASP A 395 37.71 -38.78 28.31
N ALA A 396 38.89 -38.84 27.70
CA ALA A 396 39.09 -39.58 26.46
C ALA A 396 39.07 -41.09 26.67
N HIS A 397 39.09 -41.57 27.91
CA HIS A 397 39.14 -43.00 28.20
C HIS A 397 37.76 -43.62 28.33
N SER A 398 36.69 -42.84 28.23
CA SER A 398 35.35 -43.39 28.35
C SER A 398 34.95 -44.10 27.05
N PRO A 399 34.02 -45.05 27.11
CA PRO A 399 33.62 -45.77 25.90
C PRO A 399 33.09 -44.82 24.86
N PRO A 400 33.39 -45.06 23.56
CA PRO A 400 32.90 -44.14 22.53
C PRO A 400 31.39 -44.03 22.48
N LEU A 401 30.67 -45.12 22.69
CA LEU A 401 29.22 -45.09 22.54
C LEU A 401 28.58 -44.01 23.41
N TYR A 402 29.17 -43.72 24.57
CA TYR A 402 28.62 -42.66 25.43
C TYR A 402 28.50 -41.36 24.67
N THR A 403 29.56 -40.93 23.99
CA THR A 403 29.49 -39.66 23.27
C THR A 403 28.55 -39.76 22.07
N TYR A 404 28.21 -40.98 21.65
CA TYR A 404 27.21 -41.15 20.58
C TYR A 404 25.84 -41.14 21.25
N LEU A 405 25.76 -41.64 22.48
CA LEU A 405 24.47 -41.75 23.16
C LEU A 405 23.96 -40.38 23.58
N THR A 406 24.86 -39.48 24.00
CA THR A 406 24.48 -38.18 24.53
C THR A 406 24.43 -37.11 23.45
N LEU A 407 24.57 -37.46 22.17
CA LEU A 407 24.56 -36.42 21.13
C LEU A 407 23.41 -36.67 20.18
N LEU A 408 22.55 -37.64 20.47
CA LEU A 408 21.32 -37.80 19.71
C LEU A 408 20.26 -36.82 20.20
N PRO A 409 20.11 -36.63 21.51
CA PRO A 409 19.15 -35.60 21.98
C PRO A 409 19.46 -34.21 21.47
N ALA A 410 20.74 -33.90 21.26
CA ALA A 410 21.09 -32.57 20.75
C ALA A 410 20.49 -32.33 19.37
N THR A 411 20.55 -33.33 18.49
CA THR A 411 19.95 -33.20 17.17
C THR A 411 18.43 -33.29 17.25
N TYR A 412 17.92 -34.08 18.22
CA TYR A 412 16.47 -34.11 18.42
C TYR A 412 15.94 -32.73 18.77
N ASN A 413 16.69 -31.95 19.54
CA ASN A 413 16.25 -30.60 19.86
C ASN A 413 16.19 -29.70 18.63
N SER A 414 17.18 -29.81 17.74
CA SER A 414 17.15 -29.04 16.50
C SER A 414 16.01 -29.48 15.60
N MET A 415 15.62 -30.75 15.68
CA MET A 415 14.42 -31.18 14.98
C MET A 415 13.15 -30.61 15.60
N ILE A 416 13.11 -30.53 16.93
CA ILE A 416 11.90 -30.07 17.62
C ILE A 416 11.68 -28.58 17.43
N ASN A 417 12.74 -27.78 17.54
CA ASN A 417 12.57 -26.33 17.63
C ASN A 417 11.75 -25.75 16.48
N PRO A 418 11.98 -26.13 15.22
CA PRO A 418 11.12 -25.58 14.16
C PRO A 418 9.65 -25.83 14.40
N ILE A 419 9.29 -27.04 14.84
CA ILE A 419 7.88 -27.35 15.08
C ILE A 419 7.31 -26.42 16.15
N ILE A 420 8.05 -26.21 17.23
CA ILE A 420 7.54 -25.39 18.33
C ILE A 420 7.35 -23.95 17.86
N TYR A 421 8.35 -23.40 17.15
CA TYR A 421 8.33 -21.96 16.88
C TYR A 421 7.72 -21.61 15.53
N ALA A 422 8.31 -22.10 14.44
CA ALA A 422 7.90 -21.63 13.13
C ALA A 422 6.56 -22.23 12.70
N PHE A 423 6.36 -23.51 12.96
CA PHE A 423 5.20 -24.25 12.46
C PHE A 423 4.02 -24.23 13.42
N ARG A 424 3.92 -23.20 14.27
CA ARG A 424 2.76 -23.03 15.13
C ARG A 424 2.21 -21.60 15.05
N ASN A 425 2.62 -20.84 14.04
CA ASN A 425 2.14 -19.50 13.82
C ASN A 425 1.05 -19.52 12.75
N GLN A 426 -0.03 -18.77 13.00
CA GLN A 426 -1.18 -18.83 12.11
C GLN A 426 -0.81 -18.43 10.69
N ASP A 427 -0.15 -17.28 10.54
CA ASP A 427 0.19 -16.79 9.20
C ASP A 427 1.19 -17.72 8.50
N VAL A 428 2.18 -18.21 9.24
CA VAL A 428 3.15 -19.14 8.64
C VAL A 428 2.44 -20.42 8.22
N GLN A 429 1.52 -20.92 9.05
CA GLN A 429 0.80 -22.12 8.69
C GLN A 429 -0.05 -21.90 7.45
N LYS A 430 -0.72 -20.74 7.35
CA LYS A 430 -1.50 -20.44 6.16
C LYS A 430 -0.61 -20.41 4.92
N VAL A 431 0.55 -19.77 5.02
CA VAL A 431 1.47 -19.73 3.89
C VAL A 431 1.89 -21.14 3.51
N LEU A 432 2.13 -21.99 4.52
CA LEU A 432 2.52 -23.37 4.24
C LEU A 432 1.42 -24.11 3.50
N TRP A 433 0.16 -23.89 3.89
CA TRP A 433 -0.95 -24.59 3.26
C TRP A 433 -1.04 -24.31 1.77
N ALA A 434 -0.52 -23.17 1.31
CA ALA A 434 -0.56 -22.82 -0.11
C ALA A 434 0.67 -23.38 -0.82
N THR B 4 21.97 -2.47 -18.18
CA THR B 4 20.65 -2.76 -18.72
C THR B 4 19.83 -1.47 -18.82
N LEU B 5 19.66 -0.79 -17.68
CA LEU B 5 18.89 0.43 -17.65
C LEU B 5 19.56 1.52 -18.47
N SER B 6 18.75 2.45 -18.98
CA SER B 6 19.27 3.60 -19.70
C SER B 6 19.74 4.67 -18.71
N ALA B 7 20.35 5.72 -19.24
CA ALA B 7 20.82 6.80 -18.38
C ALA B 7 19.66 7.50 -17.68
N GLU B 8 18.48 7.46 -18.28
CA GLU B 8 17.30 8.13 -17.72
C GLU B 8 16.49 7.23 -16.79
N ASP B 9 16.42 5.93 -17.08
CA ASP B 9 15.68 5.02 -16.20
C ASP B 9 16.35 4.92 -14.84
N LYS B 10 17.68 5.05 -14.78
CA LYS B 10 18.36 5.01 -13.50
C LYS B 10 17.95 6.20 -12.63
N ALA B 11 17.80 7.38 -13.24
CA ALA B 11 17.35 8.54 -12.48
C ALA B 11 15.91 8.37 -12.00
N ALA B 12 15.06 7.75 -12.82
CA ALA B 12 13.71 7.45 -12.38
C ALA B 12 13.71 6.51 -11.19
N VAL B 13 14.55 5.49 -11.22
CA VAL B 13 14.64 4.57 -10.08
C VAL B 13 15.18 5.29 -8.85
N GLU B 14 16.12 6.19 -9.05
CA GLU B 14 16.64 6.97 -7.92
C GLU B 14 15.54 7.81 -7.29
N ARG B 15 14.68 8.41 -8.13
CA ARG B 15 13.54 9.16 -7.61
C ARG B 15 12.58 8.24 -6.85
N SER B 16 12.32 7.04 -7.40
CA SER B 16 11.45 6.11 -6.69
C SER B 16 12.00 5.76 -5.32
N LYS B 17 13.30 5.50 -5.24
CA LYS B 17 13.92 5.18 -3.96
C LYS B 17 13.84 6.36 -2.99
N MET B 18 14.07 7.57 -3.49
CA MET B 18 14.01 8.73 -2.62
C MET B 18 12.58 9.02 -2.18
N ILE B 19 11.58 8.50 -2.89
CA ILE B 19 10.20 8.59 -2.41
C ILE B 19 9.92 7.51 -1.37
N GLU B 20 10.36 6.28 -1.62
CA GLU B 20 10.19 5.21 -0.64
C GLU B 20 10.86 5.57 0.68
N LYS B 21 11.96 6.33 0.64
CA LYS B 21 12.59 6.77 1.86
C LYS B 21 11.64 7.58 2.72
N GLN B 22 10.98 8.58 2.14
CA GLN B 22 10.01 9.37 2.89
C GLN B 22 8.80 8.54 3.31
N LEU B 23 8.40 7.57 2.48
CA LEU B 23 7.29 6.70 2.87
C LEU B 23 7.64 5.91 4.14
N GLN B 24 8.85 5.37 4.21
CA GLN B 24 9.28 4.67 5.41
C GLN B 24 9.38 5.62 6.59
N LYS B 25 9.88 6.84 6.36
CA LYS B 25 9.97 7.81 7.44
C LYS B 25 8.59 8.13 8.01
N ASP B 26 7.56 8.16 7.16
CA ASP B 26 6.20 8.40 7.63
C ASP B 26 5.62 7.18 8.33
N LYS B 27 5.91 5.98 7.81
CA LYS B 27 5.42 4.77 8.44
C LYS B 27 5.98 4.61 9.85
N GLN B 28 7.22 5.05 10.06
CA GLN B 28 7.81 4.95 11.39
C GLN B 28 6.99 5.69 12.43
N VAL B 29 6.32 6.78 12.04
CA VAL B 29 5.48 7.54 12.95
C VAL B 29 4.02 7.09 12.90
N TYR B 30 3.57 6.48 11.80
CA TYR B 30 2.21 5.98 11.75
C TYR B 30 1.98 4.88 12.79
N ARG B 31 2.96 3.99 12.95
CA ARG B 31 2.84 2.86 13.86
C ARG B 31 3.07 3.23 15.32
N ALA B 32 3.56 4.42 15.60
CA ALA B 32 3.85 4.84 16.96
C ALA B 32 2.65 5.45 17.67
N THR B 33 1.50 5.54 17.00
CA THR B 33 0.30 6.11 17.58
C THR B 33 -0.79 5.06 17.67
N HIS B 34 -1.62 5.18 18.70
CA HIS B 34 -2.73 4.26 18.93
C HIS B 34 -4.03 4.98 18.61
N ARG B 35 -4.85 4.37 17.75
CA ARG B 35 -6.08 4.97 17.25
C ARG B 35 -7.26 4.43 18.05
N LEU B 36 -8.02 5.35 18.65
CA LEU B 36 -9.21 5.01 19.41
C LEU B 36 -10.44 5.58 18.72
N LEU B 37 -11.57 4.91 18.87
CA LEU B 37 -12.83 5.30 18.25
C LEU B 37 -13.84 5.60 19.35
N LEU B 38 -13.85 6.85 19.81
CA LEU B 38 -14.84 7.23 20.82
C LEU B 38 -16.24 7.16 20.24
N LEU B 39 -17.18 6.67 21.03
CA LEU B 39 -18.51 6.38 20.53
C LEU B 39 -19.52 6.57 21.66
N GLY B 40 -20.74 6.91 21.29
CA GLY B 40 -21.79 7.17 22.25
C GLY B 40 -22.79 8.15 21.69
N ALA B 41 -23.82 8.43 22.50
CA ALA B 41 -24.89 9.32 22.09
C ALA B 41 -24.65 10.74 22.57
N GLY B 42 -25.51 11.65 22.13
CA GLY B 42 -25.34 13.05 22.48
C GLY B 42 -25.43 13.30 23.97
N GLU B 43 -26.38 12.66 24.65
CA GLU B 43 -26.55 12.81 26.09
C GLU B 43 -25.75 11.79 26.89
N SER B 44 -24.98 10.93 26.22
CA SER B 44 -24.21 9.93 26.94
C SER B 44 -23.21 10.59 27.89
N GLY B 45 -22.51 11.63 27.42
CA GLY B 45 -21.51 12.29 28.22
C GLY B 45 -20.15 12.30 27.54
N LYS B 46 -20.15 12.11 26.21
CA LYS B 46 -18.88 12.10 25.48
C LYS B 46 -18.10 13.38 25.73
N SER B 47 -18.76 14.53 25.64
CA SER B 47 -18.06 15.80 25.81
C SER B 47 -17.36 15.86 27.17
N THR B 48 -17.97 15.27 28.19
CA THR B 48 -17.35 15.28 29.51
C THR B 48 -16.08 14.44 29.53
N ILE B 49 -15.99 13.45 28.64
CA ILE B 49 -14.86 12.52 28.67
C ILE B 49 -13.71 12.97 27.78
N VAL B 50 -13.96 13.84 26.80
CA VAL B 50 -12.92 14.22 25.85
C VAL B 50 -11.72 14.85 26.54
N LYS B 51 -11.89 15.36 27.75
CA LYS B 51 -10.78 15.94 28.51
C LYS B 51 -9.57 15.00 28.53
N SER B 184 -16.50 17.72 7.74
CA SER B 184 -16.68 18.14 9.12
C SER B 184 -17.48 17.10 9.91
N GLY B 185 -17.49 15.87 9.42
CA GLY B 185 -18.17 14.77 10.07
C GLY B 185 -17.35 14.02 11.08
N ILE B 186 -16.10 14.41 11.31
CA ILE B 186 -15.20 13.74 12.23
C ILE B 186 -14.54 14.80 13.11
N PHE B 187 -14.35 14.47 14.38
CA PHE B 187 -13.70 15.37 15.34
C PHE B 187 -12.47 14.64 15.89
N GLU B 188 -11.33 14.87 15.26
CA GLU B 188 -10.09 14.26 15.69
C GLU B 188 -9.56 14.94 16.94
N THR B 189 -8.67 14.23 17.65
CA THR B 189 -8.06 14.75 18.86
C THR B 189 -6.69 14.10 19.01
N LYS B 190 -5.82 14.76 19.76
CA LYS B 190 -4.49 14.26 20.04
C LYS B 190 -4.14 14.51 21.49
N PHE B 191 -3.49 13.52 22.11
CA PHE B 191 -2.99 13.67 23.47
C PHE B 191 -1.86 12.69 23.68
N GLN B 192 -1.11 12.89 24.76
CA GLN B 192 0.09 12.13 25.05
C GLN B 192 0.11 11.75 26.52
N VAL B 193 0.28 10.46 26.79
CA VAL B 193 0.34 9.93 28.15
C VAL B 193 1.63 9.14 28.28
N ASP B 194 2.49 9.56 29.21
CA ASP B 194 3.76 8.90 29.49
C ASP B 194 4.50 8.57 28.20
N LYS B 195 4.71 9.61 27.39
CA LYS B 195 5.51 9.53 26.17
C LYS B 195 4.90 8.60 25.13
N VAL B 196 3.60 8.32 25.23
CA VAL B 196 2.89 7.54 24.24
C VAL B 196 1.79 8.41 23.65
N ASN B 197 1.73 8.48 22.32
CA ASN B 197 0.81 9.36 21.61
C ASN B 197 -0.44 8.60 21.23
N PHE B 198 -1.60 9.17 21.55
CA PHE B 198 -2.89 8.58 21.21
C PHE B 198 -3.60 9.48 20.21
N HIS B 199 -4.48 8.88 19.41
CA HIS B 199 -5.17 9.56 18.32
C HIS B 199 -6.68 9.30 18.40
N MET B 200 -7.25 9.48 19.58
CA MET B 200 -8.70 9.36 19.73
C MET B 200 -9.40 10.38 18.84
N PHE B 201 -10.40 9.90 18.10
CA PHE B 201 -11.20 10.77 17.24
C PHE B 201 -12.67 10.39 17.33
N ASP B 202 -13.46 11.27 17.94
CA ASP B 202 -14.90 11.09 17.98
C ASP B 202 -15.49 11.21 16.57
N VAL B 203 -16.54 10.44 16.32
CA VAL B 203 -17.22 10.51 15.04
C VAL B 203 -18.20 11.67 15.05
N GLU B 209 -27.33 5.81 11.07
CA GLU B 209 -26.31 6.30 10.15
C GLU B 209 -24.94 5.81 10.58
N ARG B 210 -24.86 4.55 11.00
CA ARG B 210 -23.63 3.95 11.49
C ARG B 210 -23.26 2.63 10.83
N ARG B 211 -24.13 2.07 9.99
CA ARG B 211 -23.90 0.73 9.47
C ARG B 211 -22.74 0.66 8.47
N LYS B 212 -22.37 1.78 7.86
CA LYS B 212 -21.38 1.77 6.77
C LYS B 212 -20.02 2.30 7.20
N TRP B 213 -19.95 3.55 7.68
CA TRP B 213 -18.65 4.15 7.94
C TRP B 213 -17.91 3.40 9.04
N ILE B 214 -18.60 3.02 10.11
CA ILE B 214 -17.93 2.33 11.21
C ILE B 214 -17.30 1.03 10.73
N GLN B 215 -17.79 0.48 9.62
CA GLN B 215 -17.25 -0.76 9.09
C GLN B 215 -15.83 -0.60 8.56
N CYS B 216 -15.41 0.63 8.24
CA CYS B 216 -14.11 0.91 7.65
C CYS B 216 -13.05 1.18 8.71
N PHE B 217 -13.28 0.71 9.93
CA PHE B 217 -12.47 1.08 11.10
C PHE B 217 -11.92 -0.16 11.79
N ASN B 218 -11.56 -1.18 11.01
CA ASN B 218 -11.11 -2.46 11.56
C ASN B 218 -9.66 -2.44 11.98
N ASP B 219 -9.03 -1.26 12.11
CA ASP B 219 -7.63 -1.15 12.48
C ASP B 219 -7.40 -0.56 13.86
N VAL B 220 -8.40 0.11 14.45
CA VAL B 220 -8.19 0.74 15.74
C VAL B 220 -7.83 -0.32 16.79
N THR B 221 -7.27 0.13 17.91
CA THR B 221 -6.90 -0.77 18.98
C THR B 221 -8.02 -0.99 19.98
N ALA B 222 -8.80 0.05 20.27
CA ALA B 222 -9.88 -0.04 21.25
C ALA B 222 -10.99 0.91 20.87
N ILE B 223 -12.21 0.57 21.26
CA ILE B 223 -13.39 1.41 21.09
C ILE B 223 -13.82 1.88 22.47
N ILE B 224 -14.01 3.18 22.62
CA ILE B 224 -14.48 3.73 23.89
C ILE B 224 -15.98 3.97 23.78
N PHE B 225 -16.75 3.23 24.58
CA PHE B 225 -18.20 3.24 24.52
C PHE B 225 -18.73 3.93 25.77
N VAL B 226 -19.55 4.96 25.58
CA VAL B 226 -20.10 5.73 26.69
C VAL B 226 -21.60 5.53 26.72
N VAL B 227 -22.12 5.15 27.88
CA VAL B 227 -23.55 4.90 28.06
C VAL B 227 -24.02 5.68 29.28
N ALA B 228 -25.32 5.96 29.31
CA ALA B 228 -25.95 6.71 30.39
C ALA B 228 -26.62 5.74 31.35
N SER B 229 -26.31 5.88 32.64
CA SER B 229 -26.92 5.06 33.68
C SER B 229 -28.19 5.77 34.15
N SER B 230 -29.20 5.75 33.29
CA SER B 230 -30.50 6.32 33.63
C SER B 230 -31.55 5.84 32.63
N SER B 231 -32.62 5.24 33.13
CA SER B 231 -33.67 4.68 32.27
C SER B 231 -35.03 5.26 32.64
N THR B 242 -37.09 8.01 29.32
CA THR B 242 -37.46 6.99 28.34
C THR B 242 -36.53 5.78 28.46
N ASN B 243 -36.93 4.67 27.84
CA ASN B 243 -36.15 3.44 27.88
C ASN B 243 -35.22 3.35 26.66
N ARG B 244 -34.47 4.42 26.45
CA ARG B 244 -33.48 4.42 25.37
C ARG B 244 -32.30 3.53 25.71
N LEU B 245 -32.11 3.20 26.99
CA LEU B 245 -31.00 2.34 27.39
C LEU B 245 -31.00 1.05 26.59
N GLN B 246 -32.18 0.44 26.42
CA GLN B 246 -32.26 -0.77 25.62
C GLN B 246 -31.63 -0.56 24.24
N GLU B 247 -31.97 0.55 23.58
CA GLU B 247 -31.35 0.84 22.28
C GLU B 247 -29.84 0.82 22.40
N ALA B 248 -29.28 1.48 23.42
CA ALA B 248 -27.84 1.41 23.64
C ALA B 248 -27.38 -0.02 23.66
N LEU B 249 -28.02 -0.86 24.47
CA LEU B 249 -27.66 -2.28 24.48
C LEU B 249 -27.69 -2.84 23.07
N ASN B 250 -28.80 -2.63 22.36
CA ASN B 250 -28.87 -3.08 20.98
C ASN B 250 -27.69 -2.56 20.18
N LEU B 251 -27.41 -1.25 20.28
CA LEU B 251 -26.25 -0.70 19.60
C LEU B 251 -24.99 -1.47 19.98
N PHE B 252 -24.76 -1.65 21.28
CA PHE B 252 -23.59 -2.41 21.71
C PHE B 252 -23.57 -3.77 21.02
N LYS B 253 -24.71 -4.46 21.01
CA LYS B 253 -24.74 -5.78 20.38
C LYS B 253 -24.28 -5.68 18.94
N SER B 254 -24.81 -4.69 18.20
CA SER B 254 -24.44 -4.57 16.79
C SER B 254 -22.93 -4.39 16.63
N ILE B 255 -22.29 -3.69 17.58
CA ILE B 255 -20.85 -3.51 17.50
C ILE B 255 -20.13 -4.83 17.76
N TRP B 256 -20.61 -5.61 18.72
CA TRP B 256 -19.86 -6.78 19.15
C TRP B 256 -19.82 -7.84 18.06
N ASN B 257 -20.91 -8.01 17.32
CA ASN B 257 -21.05 -9.11 16.37
C ASN B 257 -20.67 -8.72 14.95
N ASN B 258 -20.22 -7.48 14.72
CA ASN B 258 -19.87 -7.05 13.38
C ASN B 258 -18.71 -7.89 12.84
N ARG B 259 -18.76 -8.17 11.54
CA ARG B 259 -17.77 -9.05 10.94
C ARG B 259 -16.37 -8.45 10.99
N TRP B 260 -16.26 -7.14 10.74
CA TRP B 260 -14.96 -6.49 10.66
C TRP B 260 -14.54 -5.87 11.98
N LEU B 261 -15.30 -6.11 13.06
CA LEU B 261 -14.93 -5.63 14.38
C LEU B 261 -14.91 -6.78 15.39
N ARG B 262 -14.51 -7.97 14.94
CA ARG B 262 -14.41 -9.14 15.81
C ARG B 262 -13.05 -9.30 16.45
N THR B 263 -12.13 -8.35 16.27
CA THR B 263 -10.84 -8.37 16.94
C THR B 263 -10.55 -7.08 17.67
N ILE B 264 -11.52 -6.18 17.79
CA ILE B 264 -11.35 -4.90 18.45
C ILE B 264 -12.04 -4.98 19.81
N SER B 265 -11.25 -4.87 20.88
CA SER B 265 -11.79 -4.86 22.22
C SER B 265 -12.49 -3.53 22.48
N VAL B 266 -13.41 -3.53 23.44
CA VAL B 266 -14.27 -2.40 23.73
C VAL B 266 -14.05 -1.97 25.16
N ILE B 267 -13.69 -0.71 25.36
CA ILE B 267 -13.73 -0.09 26.67
C ILE B 267 -15.12 0.48 26.88
N LEU B 268 -15.71 0.20 28.03
CA LEU B 268 -17.07 0.61 28.34
C LEU B 268 -17.05 1.56 29.52
N PHE B 269 -17.69 2.71 29.35
CA PHE B 269 -17.87 3.69 30.42
C PHE B 269 -19.34 3.76 30.76
N LEU B 270 -19.68 3.62 32.03
CA LEU B 270 -21.06 3.70 32.49
C LEU B 270 -21.20 5.01 33.24
N ASN B 271 -21.63 6.04 32.50
CA ASN B 271 -21.60 7.40 33.01
C ASN B 271 -22.82 7.70 33.89
N LYS B 272 -22.80 8.89 34.49
CA LYS B 272 -23.91 9.41 35.27
C LYS B 272 -24.25 8.46 36.43
N GLN B 273 -23.29 8.33 37.34
CA GLN B 273 -23.52 7.56 38.56
C GLN B 273 -24.35 8.36 39.57
N ASP B 274 -24.10 9.67 39.67
CA ASP B 274 -24.83 10.48 40.64
C ASP B 274 -26.32 10.49 40.35
N LEU B 275 -26.70 10.65 39.08
CA LEU B 275 -28.11 10.65 38.72
C LEU B 275 -28.75 9.30 39.04
N LEU B 276 -28.05 8.21 38.75
CA LEU B 276 -28.59 6.89 39.05
C LEU B 276 -28.80 6.73 40.55
N ALA B 277 -27.82 7.15 41.36
CA ALA B 277 -27.95 7.02 42.81
C ALA B 277 -29.11 7.86 43.33
N GLU B 278 -29.24 9.10 42.84
CA GLU B 278 -30.35 9.94 43.27
C GLU B 278 -31.69 9.33 42.87
N LYS B 279 -31.77 8.81 41.64
CA LYS B 279 -33.02 8.22 41.18
C LYS B 279 -33.40 7.00 42.00
N VAL B 280 -32.42 6.15 42.32
CA VAL B 280 -32.72 4.94 43.10
C VAL B 280 -33.11 5.31 44.52
N LEU B 281 -32.39 6.25 45.14
CA LEU B 281 -32.70 6.63 46.52
C LEU B 281 -34.08 7.27 46.61
N ALA B 282 -34.42 8.13 45.65
CA ALA B 282 -35.71 8.81 45.65
C ALA B 282 -36.85 7.80 45.55
N GLU B 288 -34.40 -1.22 36.53
CA GLU B 288 -35.01 -1.39 37.85
C GLU B 288 -36.51 -1.68 37.72
N ASP B 289 -37.32 -0.63 37.58
CA ASP B 289 -38.75 -0.83 37.39
C ASP B 289 -39.06 -1.27 35.96
N TYR B 290 -38.29 -0.78 35.00
CA TYR B 290 -38.50 -1.09 33.59
C TYR B 290 -37.85 -2.38 33.14
N PHE B 291 -37.03 -2.99 34.00
CA PHE B 291 -36.45 -4.31 33.74
C PHE B 291 -36.92 -5.26 34.83
N PRO B 292 -37.98 -6.04 34.59
CA PRO B 292 -38.50 -6.89 35.67
C PRO B 292 -37.51 -7.91 36.19
N GLU B 293 -36.47 -8.24 35.41
CA GLU B 293 -35.46 -9.19 35.85
C GLU B 293 -34.63 -8.67 37.02
N PHE B 294 -34.70 -7.37 37.31
CA PHE B 294 -33.95 -6.84 38.43
C PHE B 294 -34.43 -7.38 39.77
N ALA B 295 -35.68 -7.84 39.85
CA ALA B 295 -36.17 -8.39 41.11
C ALA B 295 -35.41 -9.64 41.51
N ARG B 296 -35.13 -10.52 40.56
CA ARG B 296 -34.37 -11.75 40.83
C ARG B 296 -32.89 -11.57 40.50
N TYR B 297 -32.25 -10.59 41.13
CA TYR B 297 -30.83 -10.33 40.94
C TYR B 297 -30.17 -10.14 42.29
N THR B 298 -29.05 -10.83 42.51
CA THR B 298 -28.25 -10.71 43.72
C THR B 298 -26.88 -10.18 43.37
N THR B 299 -26.39 -9.24 44.17
CA THR B 299 -25.12 -8.60 43.87
C THR B 299 -24.01 -9.63 43.81
N PRO B 300 -23.20 -9.68 42.75
CA PRO B 300 -22.10 -10.64 42.70
C PRO B 300 -21.14 -10.41 43.87
N GLU B 301 -20.58 -11.52 44.37
CA GLU B 301 -19.72 -11.45 45.55
C GLU B 301 -18.47 -10.63 45.29
N ASP B 302 -17.99 -10.63 44.04
CA ASP B 302 -16.77 -9.92 43.71
C ASP B 302 -16.94 -8.41 43.79
N ALA B 303 -18.18 -7.92 43.92
CA ALA B 303 -18.41 -6.49 43.95
C ALA B 303 -17.62 -5.84 45.08
N THR B 304 -17.09 -4.64 44.79
CA THR B 304 -16.37 -3.84 45.77
C THR B 304 -16.97 -2.43 45.77
N PRO B 305 -18.19 -2.29 46.26
CA PRO B 305 -18.84 -0.98 46.23
C PRO B 305 -18.09 0.04 47.08
N GLU B 306 -18.18 1.29 46.66
CA GLU B 306 -17.50 2.36 47.37
C GLU B 306 -18.12 2.55 48.75
N PRO B 307 -17.35 3.06 49.71
CA PRO B 307 -17.89 3.21 51.07
C PRO B 307 -19.04 4.20 51.11
N GLY B 308 -19.95 3.98 52.06
CA GLY B 308 -21.11 4.84 52.22
C GLY B 308 -22.04 4.79 51.04
N GLU B 309 -22.33 3.57 50.57
CA GLU B 309 -23.21 3.35 49.42
C GLU B 309 -24.31 2.37 49.81
N ASP B 310 -25.55 2.73 49.51
CA ASP B 310 -26.66 1.84 49.81
C ASP B 310 -26.57 0.58 48.97
N PRO B 311 -26.87 -0.59 49.54
CA PRO B 311 -26.77 -1.83 48.75
C PRO B 311 -27.68 -1.86 47.53
N ARG B 312 -28.78 -1.12 47.54
CA ARG B 312 -29.68 -1.13 46.37
C ARG B 312 -29.03 -0.41 45.19
N VAL B 313 -28.30 0.67 45.45
CA VAL B 313 -27.59 1.35 44.37
C VAL B 313 -26.55 0.42 43.77
N THR B 314 -25.83 -0.31 44.61
CA THR B 314 -24.88 -1.30 44.12
C THR B 314 -25.58 -2.37 43.30
N ARG B 315 -26.74 -2.82 43.77
CA ARG B 315 -27.50 -3.83 43.04
C ARG B 315 -27.83 -3.35 41.63
N ALA B 316 -28.40 -2.16 41.52
CA ALA B 316 -28.80 -1.65 40.21
C ALA B 316 -27.59 -1.42 39.31
N LYS B 317 -26.53 -0.83 39.88
CA LYS B 317 -25.32 -0.54 39.11
C LYS B 317 -24.73 -1.82 38.52
N TYR B 318 -24.52 -2.82 39.37
CA TYR B 318 -23.96 -4.07 38.89
C TYR B 318 -24.93 -4.82 37.99
N PHE B 319 -26.24 -4.61 38.16
CA PHE B 319 -27.20 -5.22 37.24
C PHE B 319 -27.00 -4.67 35.83
N ILE B 320 -26.86 -3.35 35.70
CA ILE B 320 -26.62 -2.77 34.38
C ILE B 320 -25.30 -3.26 33.81
N ARG B 321 -24.25 -3.24 34.63
CA ARG B 321 -22.94 -3.66 34.16
C ARG B 321 -22.97 -5.11 33.67
N ASP B 322 -23.57 -6.00 34.45
CA ASP B 322 -23.64 -7.39 34.05
C ASP B 322 -24.58 -7.59 32.87
N GLU B 323 -25.58 -6.73 32.71
CA GLU B 323 -26.43 -6.81 31.54
C GLU B 323 -25.61 -6.55 30.28
N PHE B 324 -24.66 -5.62 30.34
CA PHE B 324 -23.76 -5.42 29.21
C PHE B 324 -22.78 -6.59 29.06
N LEU B 325 -22.22 -7.06 30.17
CA LEU B 325 -21.26 -8.15 30.11
C LEU B 325 -21.87 -9.46 29.64
N ARG B 326 -23.19 -9.61 29.75
CA ARG B 326 -23.84 -10.83 29.27
C ARG B 326 -23.72 -10.96 27.77
N ILE B 327 -24.00 -9.88 27.05
CA ILE B 327 -23.82 -9.91 25.60
C ILE B 327 -22.35 -9.83 25.24
N SER B 328 -21.52 -9.24 26.12
CA SER B 328 -20.09 -9.25 25.87
C SER B 328 -19.52 -10.67 25.81
N THR B 329 -19.81 -11.47 26.82
CA THR B 329 -19.17 -12.78 26.96
C THR B 329 -19.83 -13.88 26.14
N ALA B 330 -20.92 -13.58 25.44
CA ALA B 330 -21.66 -14.64 24.74
C ALA B 330 -20.82 -15.30 23.66
N SER B 331 -20.10 -14.50 22.87
CA SER B 331 -19.34 -15.03 21.74
C SER B 331 -17.99 -14.33 21.62
N GLY B 332 -17.28 -14.19 22.74
CA GLY B 332 -15.99 -13.53 22.70
C GLY B 332 -14.98 -14.27 21.84
N ASP B 333 -14.89 -15.58 22.01
CA ASP B 333 -13.94 -16.47 21.34
C ASP B 333 -12.50 -16.21 21.75
N GLY B 334 -12.25 -15.28 22.68
CA GLY B 334 -10.91 -14.99 23.15
C GLY B 334 -10.16 -13.94 22.37
N ARG B 335 -10.69 -13.50 21.22
CA ARG B 335 -9.98 -12.53 20.40
C ARG B 335 -10.25 -11.09 20.81
N HIS B 336 -11.29 -10.84 21.61
CA HIS B 336 -11.53 -9.49 22.10
C HIS B 336 -12.40 -9.57 23.33
N TYR B 337 -12.19 -8.64 24.26
CA TYR B 337 -12.91 -8.61 25.53
C TYR B 337 -13.52 -7.23 25.74
N CYS B 338 -14.14 -7.02 26.90
CA CYS B 338 -14.77 -5.76 27.24
C CYS B 338 -14.27 -5.31 28.62
N TYR B 339 -13.86 -4.05 28.72
CA TYR B 339 -13.26 -3.49 29.93
C TYR B 339 -14.20 -2.43 30.48
N PRO B 340 -15.01 -2.76 31.48
CA PRO B 340 -16.01 -1.80 31.97
C PRO B 340 -15.49 -0.96 33.12
N HIS B 341 -16.05 0.25 33.22
CA HIS B 341 -15.70 1.17 34.29
C HIS B 341 -16.93 1.99 34.68
N PHE B 342 -16.96 2.39 35.95
CA PHE B 342 -18.03 3.23 36.50
C PHE B 342 -17.46 4.64 36.65
N THR B 343 -17.62 5.44 35.61
CA THR B 343 -17.11 6.80 35.61
C THR B 343 -18.20 7.78 36.01
N CYS B 344 -17.87 8.69 36.91
CA CYS B 344 -18.79 9.71 37.38
C CYS B 344 -18.59 11.00 36.59
N ALA B 345 -19.41 12.01 36.90
CA ALA B 345 -19.34 13.28 36.20
C ALA B 345 -17.98 13.95 36.41
N VAL B 346 -17.58 14.10 37.67
CA VAL B 346 -16.31 14.75 38.01
C VAL B 346 -15.33 13.63 38.34
N ASP B 347 -14.60 13.18 37.32
CA ASP B 347 -13.57 12.16 37.46
C ASP B 347 -12.40 12.53 36.57
N THR B 348 -11.20 12.55 37.15
CA THR B 348 -10.00 12.97 36.43
C THR B 348 -9.09 11.82 36.04
N GLU B 349 -9.39 10.59 36.46
CA GLU B 349 -8.54 9.44 36.20
C GLU B 349 -8.94 8.69 34.94
N ASN B 350 -9.94 9.18 34.20
CA ASN B 350 -10.46 8.45 33.05
C ASN B 350 -9.40 8.26 31.96
N ILE B 351 -8.31 9.01 31.97
CA ILE B 351 -7.28 8.85 30.97
C ILE B 351 -6.35 7.68 31.29
N ARG B 352 -5.95 7.52 32.55
CA ARG B 352 -5.13 6.38 32.94
C ARG B 352 -5.86 5.07 32.72
N ARG B 353 -7.19 5.06 32.88
CA ARG B 353 -7.95 3.84 32.63
C ARG B 353 -7.83 3.41 31.17
N VAL B 354 -7.99 4.36 30.23
CA VAL B 354 -7.83 4.05 28.82
C VAL B 354 -6.39 3.61 28.56
N PHE B 355 -5.41 4.27 29.18
CA PHE B 355 -4.02 3.89 29.00
C PHE B 355 -3.78 2.44 29.38
N ASN B 356 -4.20 2.06 30.60
CA ASN B 356 -3.96 0.70 31.07
C ASN B 356 -4.75 -0.33 30.27
N ASP B 357 -5.99 -0.01 29.89
CA ASP B 357 -6.75 -0.93 29.08
C ASP B 357 -6.14 -1.15 27.71
N CYS B 358 -5.62 -0.09 27.08
CA CYS B 358 -4.90 -0.24 25.82
C CYS B 358 -3.61 -1.01 26.00
N ARG B 359 -2.95 -0.91 27.15
CA ARG B 359 -1.74 -1.69 27.37
C ARG B 359 -2.06 -3.17 27.49
N ASP B 360 -3.05 -3.54 28.32
CA ASP B 360 -3.30 -4.96 28.51
C ASP B 360 -4.09 -5.58 27.36
N ILE B 361 -4.75 -4.79 26.51
CA ILE B 361 -5.25 -5.33 25.26
C ILE B 361 -4.10 -5.91 24.44
N ILE B 362 -3.01 -5.15 24.31
CA ILE B 362 -1.87 -5.59 23.52
C ILE B 362 -1.15 -6.74 24.22
N GLN B 363 -1.04 -6.66 25.55
CA GLN B 363 -0.42 -7.77 26.28
C GLN B 363 -1.18 -9.07 26.07
N ARG B 364 -2.52 -9.02 26.11
CA ARG B 364 -3.32 -10.22 25.87
C ARG B 364 -3.16 -10.70 24.43
N MET B 365 -3.12 -9.78 23.47
CA MET B 365 -2.92 -10.20 22.09
C MET B 365 -1.60 -10.95 21.94
N HIS B 366 -0.52 -10.40 22.50
CA HIS B 366 0.78 -11.06 22.43
C HIS B 366 0.74 -12.42 23.12
N LEU B 367 0.20 -12.46 24.34
CA LEU B 367 0.12 -13.74 25.06
C LEU B 367 -0.61 -14.78 24.22
N ARG B 368 -1.72 -14.39 23.59
CA ARG B 368 -2.43 -15.34 22.73
C ARG B 368 -1.58 -15.75 21.55
N GLN B 369 -0.71 -14.87 21.05
CA GLN B 369 0.17 -15.25 19.95
C GLN B 369 1.14 -16.35 20.38
N TYR B 370 1.64 -16.29 21.60
CA TYR B 370 2.61 -17.25 22.10
C TYR B 370 1.96 -18.53 22.62
N GLU B 371 0.63 -18.62 22.59
CA GLU B 371 -0.12 -19.76 23.11
C GLU B 371 -0.04 -19.86 24.63
N LEU B 372 0.39 -18.79 25.30
CA LEU B 372 0.38 -18.75 26.75
C LEU B 372 -0.97 -18.36 27.32
N LEU B 373 -1.93 -18.04 26.46
CA LEU B 373 -3.26 -17.63 26.90
C LEU B 373 -4.27 -17.86 25.79
N SER C 19 -59.06 13.38 -0.75
CA SER C 19 -58.15 14.52 -0.86
C SER C 19 -57.19 14.32 -2.03
N GLU C 20 -56.38 15.35 -2.29
CA GLU C 20 -55.42 15.27 -3.39
C GLU C 20 -54.40 14.16 -3.14
N LEU C 21 -53.96 13.99 -1.89
CA LEU C 21 -52.94 13.01 -1.59
C LEU C 21 -53.39 11.60 -1.95
N ASP C 22 -54.63 11.25 -1.59
CA ASP C 22 -55.10 9.89 -1.84
C ASP C 22 -55.16 9.59 -3.33
N GLN C 23 -55.84 10.46 -4.10
CA GLN C 23 -55.98 10.22 -5.53
C GLN C 23 -54.62 10.25 -6.22
N LEU C 24 -53.72 11.10 -5.75
CA LEU C 24 -52.36 11.10 -6.29
C LEU C 24 -51.67 9.77 -6.02
N ARG C 25 -51.89 9.20 -4.83
CA ARG C 25 -51.31 7.90 -4.51
C ARG C 25 -51.85 6.82 -5.44
N GLN C 26 -53.17 6.81 -5.66
CA GLN C 26 -53.73 5.81 -6.58
C GLN C 26 -53.20 6.01 -7.99
N GLU C 27 -53.07 7.26 -8.44
CA GLU C 27 -52.51 7.51 -9.76
C GLU C 27 -51.07 7.00 -9.85
N ALA C 28 -50.27 7.25 -8.81
CA ALA C 28 -48.88 6.81 -8.83
C ALA C 28 -48.77 5.29 -8.87
N GLU C 29 -49.55 4.60 -8.04
CA GLU C 29 -49.48 3.14 -8.03
C GLU C 29 -50.02 2.56 -9.34
N GLN C 30 -51.04 3.21 -9.92
CA GLN C 30 -51.52 2.79 -11.23
C GLN C 30 -50.44 2.91 -12.29
N LEU C 31 -49.72 4.04 -12.29
CA LEU C 31 -48.63 4.21 -13.24
C LEU C 31 -47.53 3.17 -13.02
N LYS C 32 -47.22 2.89 -11.75
CA LYS C 32 -46.20 1.88 -11.45
C LYS C 32 -46.62 0.52 -11.98
N ASN C 33 -47.88 0.13 -11.76
CA ASN C 33 -48.33 -1.18 -12.24
C ASN C 33 -48.37 -1.23 -13.76
N GLN C 34 -48.73 -0.11 -14.39
CA GLN C 34 -48.70 -0.05 -15.86
C GLN C 34 -47.27 -0.22 -16.38
N ILE C 35 -46.31 0.43 -15.73
CA ILE C 35 -44.91 0.28 -16.13
C ILE C 35 -44.49 -1.18 -15.98
N ARG C 36 -44.85 -1.80 -14.85
CA ARG C 36 -44.50 -3.20 -14.65
C ARG C 36 -45.11 -4.09 -15.71
N ASP C 37 -46.38 -3.85 -16.05
CA ASP C 37 -47.04 -4.66 -17.07
C ASP C 37 -46.40 -4.48 -18.43
N ALA C 38 -46.04 -3.24 -18.78
CA ALA C 38 -45.36 -3.01 -20.05
C ALA C 38 -44.01 -3.72 -20.09
N ARG C 39 -43.26 -3.65 -18.99
CA ARG C 39 -41.98 -4.35 -18.93
C ARG C 39 -42.16 -5.85 -19.10
N LYS C 40 -43.18 -6.41 -18.43
CA LYS C 40 -43.45 -7.84 -18.58
C LYS C 40 -43.82 -8.18 -20.02
N ALA C 41 -44.63 -7.34 -20.66
CA ALA C 41 -45.04 -7.61 -22.03
C ALA C 41 -43.84 -7.59 -22.97
N CYS C 42 -42.93 -6.62 -22.79
CA CYS C 42 -41.78 -6.52 -23.67
C CYS C 42 -40.83 -7.71 -23.55
N ALA C 43 -40.88 -8.44 -22.43
CA ALA C 43 -39.98 -9.58 -22.21
C ALA C 43 -40.60 -10.83 -22.83
N ASP C 44 -39.92 -11.38 -23.83
CA ASP C 44 -40.37 -12.60 -24.51
C ASP C 44 -39.38 -13.74 -24.39
N ALA C 45 -38.10 -13.48 -24.62
CA ALA C 45 -37.06 -14.49 -24.53
C ALA C 45 -35.91 -13.96 -23.69
N THR C 46 -35.46 -14.76 -22.73
CA THR C 46 -34.37 -14.34 -21.86
C THR C 46 -33.03 -14.45 -22.58
N LEU C 47 -32.04 -13.74 -22.04
CA LEU C 47 -30.70 -13.81 -22.60
C LEU C 47 -30.14 -15.23 -22.49
N SER C 48 -30.41 -15.90 -21.36
CA SER C 48 -29.89 -17.25 -21.16
C SER C 48 -30.39 -18.21 -22.24
N GLN C 49 -31.67 -18.09 -22.61
CA GLN C 49 -32.22 -18.96 -23.63
C GLN C 49 -31.52 -18.75 -24.97
N ILE C 50 -31.26 -17.48 -25.33
CA ILE C 50 -30.62 -17.19 -26.60
C ILE C 50 -29.16 -17.66 -26.59
N THR C 51 -28.50 -17.59 -25.43
CA THR C 51 -27.08 -17.91 -25.33
C THR C 51 -26.83 -19.40 -25.10
N ASN C 52 -27.76 -20.27 -25.48
CA ASN C 52 -27.58 -21.71 -25.30
C ASN C 52 -26.65 -22.34 -26.32
N ASN C 53 -26.37 -21.67 -27.44
CA ASN C 53 -25.59 -22.25 -28.51
C ASN C 53 -24.19 -21.67 -28.65
N ILE C 54 -23.88 -20.59 -27.95
CA ILE C 54 -22.53 -20.02 -28.03
C ILE C 54 -21.57 -20.90 -27.24
N ASP C 55 -20.36 -21.03 -27.76
CA ASP C 55 -19.37 -21.89 -27.11
C ASP C 55 -19.02 -21.31 -25.74
N PRO C 56 -18.84 -22.14 -24.72
CA PRO C 56 -18.47 -21.62 -23.40
C PRO C 56 -17.11 -20.95 -23.44
N VAL C 57 -16.92 -19.99 -22.53
CA VAL C 57 -15.68 -19.23 -22.50
C VAL C 57 -14.50 -20.14 -22.22
N GLY C 58 -14.66 -21.10 -21.31
CA GLY C 58 -13.58 -21.97 -20.89
C GLY C 58 -12.84 -21.42 -19.69
N ARG C 59 -12.08 -22.31 -19.04
CA ARG C 59 -11.38 -21.95 -17.82
C ARG C 59 -10.47 -20.75 -18.06
N ILE C 60 -10.54 -19.79 -17.15
CA ILE C 60 -9.73 -18.57 -17.22
C ILE C 60 -8.70 -18.62 -16.10
N GLN C 61 -7.43 -18.66 -16.47
CA GLN C 61 -6.32 -18.69 -15.53
C GLN C 61 -5.58 -17.36 -15.61
N MET C 62 -5.51 -16.65 -14.49
CA MET C 62 -4.80 -15.38 -14.40
C MET C 62 -3.80 -15.46 -13.26
N ARG C 63 -2.59 -14.94 -13.50
CA ARG C 63 -1.52 -14.95 -12.51
C ARG C 63 -1.08 -13.52 -12.24
N THR C 64 -0.73 -13.26 -10.98
CA THR C 64 -0.22 -11.94 -10.62
C THR C 64 1.09 -11.68 -11.35
N ARG C 65 1.30 -10.41 -11.73
CA ARG C 65 2.51 -10.00 -12.41
C ARG C 65 3.28 -8.90 -11.67
N ARG C 66 2.59 -8.02 -10.95
CA ARG C 66 3.25 -7.02 -10.15
C ARG C 66 2.46 -6.83 -8.86
N THR C 67 3.18 -6.62 -7.76
CA THR C 67 2.60 -6.21 -6.50
C THR C 67 3.21 -4.88 -6.11
N LEU C 68 2.35 -3.90 -5.83
CA LEU C 68 2.76 -2.51 -5.62
C LEU C 68 2.63 -2.20 -4.14
N ARG C 69 3.76 -2.23 -3.43
CA ARG C 69 3.80 -1.99 -2.00
C ARG C 69 4.34 -0.59 -1.73
N GLY C 70 3.91 -0.02 -0.61
CA GLY C 70 4.31 1.33 -0.24
C GLY C 70 3.22 2.10 0.47
N HIS C 71 1.98 1.66 0.34
CA HIS C 71 0.88 2.29 1.07
C HIS C 71 0.88 1.83 2.52
N LEU C 72 0.59 2.77 3.43
CA LEU C 72 0.68 2.48 4.86
C LEU C 72 -0.56 1.80 5.41
N ALA C 73 -1.71 1.96 4.77
CA ALA C 73 -2.99 1.52 5.33
C ALA C 73 -3.82 0.92 4.21
N LYS C 74 -5.11 0.73 4.47
CA LYS C 74 -6.02 0.11 3.52
C LYS C 74 -6.21 1.00 2.30
N ILE C 75 -6.45 0.36 1.15
CA ILE C 75 -6.62 1.03 -0.12
C ILE C 75 -8.11 1.14 -0.42
N TYR C 76 -8.57 2.36 -0.70
CA TYR C 76 -9.98 2.64 -0.92
C TYR C 76 -10.38 2.72 -2.38
N ALA C 77 -9.56 3.35 -3.23
CA ALA C 77 -9.92 3.57 -4.62
C ALA C 77 -8.69 3.39 -5.51
N MET C 78 -8.95 3.18 -6.79
CA MET C 78 -7.90 2.96 -7.78
C MET C 78 -8.45 3.32 -9.15
N HIS C 79 -7.63 3.96 -9.97
CA HIS C 79 -8.04 4.34 -11.31
C HIS C 79 -6.83 4.34 -12.24
N TRP C 80 -7.02 3.78 -13.44
CA TRP C 80 -5.98 3.73 -14.45
C TRP C 80 -5.84 5.08 -15.16
N GLY C 81 -4.73 5.23 -15.87
CA GLY C 81 -4.61 6.28 -16.85
C GLY C 81 -5.05 5.81 -18.22
N THR C 82 -5.24 6.77 -19.12
CA THR C 82 -5.69 6.42 -20.46
C THR C 82 -4.60 5.81 -21.32
N ASP C 83 -3.34 5.88 -20.89
CA ASP C 83 -2.24 5.26 -21.61
C ASP C 83 -2.01 3.81 -21.21
N SER C 84 -2.78 3.29 -20.26
CA SER C 84 -2.71 1.91 -19.80
C SER C 84 -1.40 1.59 -19.11
N ARG C 85 -0.69 2.59 -18.62
CA ARG C 85 0.59 2.38 -17.96
C ARG C 85 0.66 3.03 -16.59
N LEU C 86 0.10 4.22 -16.42
CA LEU C 86 0.11 4.91 -15.15
C LEU C 86 -1.22 4.69 -14.43
N LEU C 87 -1.17 4.68 -13.10
CA LEU C 87 -2.38 4.56 -12.32
C LEU C 87 -2.22 5.34 -11.02
N VAL C 88 -3.34 5.61 -10.38
CA VAL C 88 -3.36 6.37 -9.13
C VAL C 88 -4.14 5.57 -8.10
N SER C 89 -3.68 5.62 -6.85
CA SER C 89 -4.34 4.91 -5.76
C SER C 89 -4.40 5.81 -4.53
N ALA C 90 -5.45 5.59 -3.74
CA ALA C 90 -5.69 6.32 -2.51
C ALA C 90 -5.93 5.34 -1.37
N SER C 91 -5.45 5.70 -0.17
CA SER C 91 -5.52 4.81 0.97
C SER C 91 -5.91 5.61 2.20
N GLN C 92 -6.12 4.88 3.30
CA GLN C 92 -6.56 5.50 4.55
C GLN C 92 -5.51 6.41 5.14
N ASP C 93 -4.24 6.15 4.87
CA ASP C 93 -3.16 6.92 5.47
C ASP C 93 -3.12 8.37 5.01
N GLY C 94 -3.87 8.73 3.98
CA GLY C 94 -3.86 10.08 3.47
C GLY C 94 -2.87 10.36 2.37
N LYS C 95 -2.48 9.33 1.61
CA LYS C 95 -1.56 9.47 0.50
C LYS C 95 -2.26 9.12 -0.79
N LEU C 96 -1.92 9.85 -1.86
CA LEU C 96 -2.37 9.56 -3.21
C LEU C 96 -1.11 9.27 -4.02
N ILE C 97 -0.93 8.02 -4.44
CA ILE C 97 0.33 7.59 -5.05
C ILE C 97 0.08 7.27 -6.52
N ILE C 98 0.99 7.72 -7.37
CA ILE C 98 0.93 7.47 -8.81
C ILE C 98 1.99 6.43 -9.15
N TRP C 99 1.56 5.33 -9.73
CA TRP C 99 2.41 4.18 -10.03
C TRP C 99 2.61 4.06 -11.53
N ASP C 100 3.86 3.77 -11.92
CA ASP C 100 4.21 3.35 -13.27
C ASP C 100 4.18 1.82 -13.25
N SER C 101 3.05 1.26 -13.66
CA SER C 101 2.84 -0.17 -13.47
C SER C 101 3.90 -1.01 -14.18
N TYR C 102 4.43 -0.53 -15.31
CA TYR C 102 5.35 -1.34 -16.08
C TYR C 102 6.61 -1.69 -15.29
N THR C 103 7.17 -0.71 -14.58
CA THR C 103 8.41 -0.90 -13.84
C THR C 103 8.22 -0.83 -12.33
N THR C 104 7.00 -0.62 -11.84
CA THR C 104 6.72 -0.51 -10.42
C THR C 104 7.52 0.64 -9.80
N ASN C 105 7.30 1.84 -10.34
CA ASN C 105 7.97 3.05 -9.90
C ASN C 105 6.95 4.01 -9.32
N LYS C 106 7.40 4.84 -8.38
CA LYS C 106 6.55 5.83 -7.73
C LYS C 106 6.81 7.18 -8.40
N VAL C 107 5.97 7.53 -9.37
CA VAL C 107 6.16 8.79 -10.09
C VAL C 107 5.84 9.97 -9.19
N HIS C 108 4.73 9.89 -8.45
CA HIS C 108 4.31 10.98 -7.56
C HIS C 108 3.75 10.40 -6.27
N ALA C 109 3.88 11.18 -5.20
CA ALA C 109 3.24 10.86 -3.92
C ALA C 109 2.70 12.16 -3.35
N ILE C 110 1.37 12.25 -3.23
CA ILE C 110 0.68 13.49 -2.91
C ILE C 110 0.09 13.35 -1.51
N PRO C 111 0.44 14.22 -0.55
CA PRO C 111 -0.22 14.17 0.76
C PRO C 111 -1.57 14.89 0.72
N LEU C 112 -2.52 14.37 1.50
CA LEU C 112 -3.87 14.90 1.52
C LEU C 112 -4.10 15.77 2.75
N ARG C 113 -4.89 16.83 2.57
CA ARG C 113 -5.28 17.65 3.71
C ARG C 113 -6.18 16.88 4.66
N SER C 114 -7.09 16.08 4.13
CA SER C 114 -7.99 15.24 4.92
C SER C 114 -7.67 13.78 4.66
N SER C 115 -7.54 13.01 5.74
CA SER C 115 -7.18 11.60 5.62
C SER C 115 -8.37 10.70 5.31
N TRP C 116 -9.59 11.26 5.24
CA TRP C 116 -10.79 10.47 4.98
C TRP C 116 -11.18 10.67 3.52
N VAL C 117 -10.59 9.85 2.64
CA VAL C 117 -10.84 9.91 1.21
C VAL C 117 -11.32 8.54 0.74
N MET C 118 -12.39 8.53 -0.05
CA MET C 118 -13.00 7.29 -0.50
C MET C 118 -13.05 7.14 -2.00
N THR C 119 -12.46 8.06 -2.77
CA THR C 119 -12.50 7.96 -4.22
C THR C 119 -11.30 8.69 -4.81
N CYS C 120 -10.96 8.30 -6.03
CA CYS C 120 -9.89 8.94 -6.78
C CYS C 120 -10.16 8.75 -8.26
N ALA C 121 -9.76 9.73 -9.05
CA ALA C 121 -9.92 9.70 -10.50
C ALA C 121 -8.70 10.29 -11.15
N TYR C 122 -8.46 9.90 -12.41
CA TYR C 122 -7.31 10.37 -13.17
C TYR C 122 -7.85 11.05 -14.43
N ALA C 123 -7.42 12.28 -14.67
CA ALA C 123 -7.97 13.05 -15.78
C ALA C 123 -7.72 12.31 -17.10
N PRO C 124 -8.72 12.25 -17.99
CA PRO C 124 -8.50 11.50 -19.24
C PRO C 124 -7.37 12.05 -20.08
N SER C 125 -7.12 13.36 -20.01
CA SER C 125 -5.96 13.93 -20.69
C SER C 125 -4.67 13.55 -19.98
N GLY C 126 -4.68 13.55 -18.65
CA GLY C 126 -3.52 13.20 -17.86
C GLY C 126 -2.88 14.34 -17.10
N ASN C 127 -3.49 15.52 -17.09
CA ASN C 127 -2.90 16.68 -16.44
C ASN C 127 -3.34 16.84 -14.99
N TYR C 128 -4.46 16.24 -14.59
CA TYR C 128 -5.02 16.46 -13.26
C TYR C 128 -5.42 15.12 -12.65
N VAL C 129 -5.51 15.11 -11.33
CA VAL C 129 -6.14 14.02 -10.59
C VAL C 129 -7.17 14.62 -9.64
N ALA C 130 -8.09 13.79 -9.19
CA ALA C 130 -9.17 14.23 -8.32
C ALA C 130 -9.32 13.29 -7.13
N CYS C 131 -9.83 13.83 -6.03
CA CYS C 131 -10.03 13.03 -4.83
C CYS C 131 -11.10 13.68 -3.96
N GLY C 132 -11.59 12.91 -2.99
CA GLY C 132 -12.58 13.42 -2.07
C GLY C 132 -13.03 12.36 -1.11
N GLY C 133 -13.79 12.78 -0.10
CA GLY C 133 -14.31 11.88 0.91
C GLY C 133 -15.15 12.57 1.96
N LEU C 134 -14.93 12.20 3.23
CA LEU C 134 -15.72 12.73 4.33
C LEU C 134 -15.59 14.23 4.52
N ASP C 135 -14.75 14.91 3.75
CA ASP C 135 -14.67 16.36 3.79
C ASP C 135 -15.74 17.03 2.94
N ASN C 136 -16.52 16.26 2.18
CA ASN C 136 -17.59 16.77 1.33
C ASN C 136 -17.08 17.67 0.22
N ILE C 137 -15.76 17.73 0.01
CA ILE C 137 -15.14 18.61 -0.96
C ILE C 137 -14.38 17.77 -1.97
N CYS C 138 -14.43 18.17 -3.23
CA CYS C 138 -13.67 17.51 -4.29
C CYS C 138 -12.43 18.32 -4.60
N SER C 139 -11.26 17.71 -4.49
CA SER C 139 -9.99 18.38 -4.70
C SER C 139 -9.38 17.93 -6.02
N ILE C 140 -9.00 18.91 -6.84
CA ILE C 140 -8.38 18.69 -8.14
C ILE C 140 -6.94 19.17 -8.07
N TYR C 141 -6.01 18.26 -8.39
CA TYR C 141 -4.57 18.48 -8.27
C TYR C 141 -3.95 18.54 -9.65
N ASN C 142 -3.10 19.55 -9.86
CA ASN C 142 -2.41 19.78 -11.13
C ASN C 142 -1.08 19.03 -11.13
N LEU C 143 -0.89 18.13 -12.09
CA LEU C 143 0.30 17.29 -12.14
C LEU C 143 1.42 17.89 -12.97
N LYS C 144 1.18 18.99 -13.69
CA LYS C 144 2.15 19.51 -14.64
C LYS C 144 2.47 20.97 -14.35
N THR C 145 2.75 21.30 -13.11
CA THR C 145 3.10 22.68 -12.76
C THR C 145 4.48 23.03 -13.29
N ARG C 146 4.71 24.33 -13.48
CA ARG C 146 6.00 24.85 -13.90
C ARG C 146 7.05 24.78 -12.79
N GLU C 147 6.63 24.66 -11.54
CA GLU C 147 7.54 24.59 -10.40
C GLU C 147 8.07 23.19 -10.16
N GLY C 148 7.60 22.19 -10.89
CA GLY C 148 8.09 20.84 -10.74
C GLY C 148 7.45 20.03 -9.63
N ASN C 149 6.41 20.55 -8.99
CA ASN C 149 5.73 19.87 -7.90
C ASN C 149 4.26 19.65 -8.29
N VAL C 150 3.47 19.16 -7.34
CA VAL C 150 2.04 18.94 -7.51
C VAL C 150 1.31 19.88 -6.55
N ARG C 151 0.36 20.65 -7.08
CA ARG C 151 -0.33 21.67 -6.32
C ARG C 151 -1.84 21.45 -6.40
N VAL C 152 -2.54 21.95 -5.38
CA VAL C 152 -4.00 21.87 -5.33
C VAL C 152 -4.55 22.87 -6.33
N SER C 153 -5.02 22.39 -7.47
CA SER C 153 -5.54 23.27 -8.50
C SER C 153 -6.88 23.88 -8.12
N ARG C 154 -7.79 23.08 -7.54
CA ARG C 154 -9.14 23.56 -7.31
C ARG C 154 -9.77 22.78 -6.16
N GLU C 155 -10.60 23.46 -5.36
CA GLU C 155 -11.41 22.81 -4.34
C GLU C 155 -12.87 23.14 -4.59
N LEU C 156 -13.66 22.13 -4.91
CA LEU C 156 -15.08 22.27 -5.20
C LEU C 156 -15.87 21.91 -3.95
N ALA C 157 -16.69 22.85 -3.49
CA ALA C 157 -17.52 22.68 -2.30
C ALA C 157 -18.96 23.04 -2.64
N GLY C 158 -19.88 22.53 -1.83
CA GLY C 158 -21.29 22.77 -2.06
C GLY C 158 -22.14 21.56 -1.73
N HIS C 159 -21.55 20.38 -1.78
CA HIS C 159 -22.26 19.17 -1.38
C HIS C 159 -22.50 19.18 0.13
N THR C 160 -23.63 18.61 0.53
CA THR C 160 -24.00 18.51 1.94
C THR C 160 -23.63 17.15 2.55
N GLY C 161 -23.01 16.25 1.77
CA GLY C 161 -22.67 14.94 2.26
C GLY C 161 -21.33 14.48 1.70
N TYR C 162 -20.86 13.36 2.23
CA TYR C 162 -19.55 12.84 1.83
C TYR C 162 -19.55 12.44 0.37
N LEU C 163 -18.38 12.54 -0.26
CA LEU C 163 -18.22 12.17 -1.66
C LEU C 163 -18.03 10.66 -1.78
N SER C 164 -18.79 10.04 -2.68
CA SER C 164 -18.68 8.60 -2.92
C SER C 164 -17.94 8.27 -4.20
N CYS C 165 -18.09 9.06 -5.25
CA CYS C 165 -17.40 8.81 -6.52
C CYS C 165 -17.31 10.11 -7.29
N CYS C 166 -16.36 10.15 -8.21
CA CYS C 166 -16.13 11.32 -9.07
C CYS C 166 -15.48 10.86 -10.36
N ARG C 167 -15.87 11.47 -11.47
CA ARG C 167 -15.33 11.08 -12.76
C ARG C 167 -15.19 12.31 -13.65
N PHE C 168 -14.02 12.46 -14.25
CA PHE C 168 -13.78 13.57 -15.17
C PHE C 168 -14.52 13.36 -16.47
N LEU C 169 -15.11 14.44 -17.00
CA LEU C 169 -15.62 14.45 -18.36
C LEU C 169 -14.59 14.97 -19.34
N ASP C 170 -13.91 16.05 -18.98
CA ASP C 170 -12.76 16.57 -19.69
C ASP C 170 -11.94 17.39 -18.71
N ASP C 171 -11.00 18.18 -19.21
CA ASP C 171 -10.13 18.94 -18.33
C ASP C 171 -10.92 19.97 -17.51
N ASN C 172 -12.14 20.29 -17.90
CA ASN C 172 -12.90 21.39 -17.29
C ASN C 172 -14.15 20.95 -16.55
N GLN C 173 -14.66 19.74 -16.78
CA GLN C 173 -15.90 19.28 -16.18
C GLN C 173 -15.70 17.95 -15.48
N ILE C 174 -16.33 17.81 -14.32
CA ILE C 174 -16.23 16.60 -13.51
C ILE C 174 -17.56 16.36 -12.83
N VAL C 175 -18.08 15.12 -12.92
CA VAL C 175 -19.32 14.75 -12.24
C VAL C 175 -18.93 14.09 -10.91
N THR C 176 -19.73 14.37 -9.88
CA THR C 176 -19.49 13.83 -8.55
C THR C 176 -20.80 13.33 -7.95
N SER C 177 -20.73 12.26 -7.18
CA SER C 177 -21.88 11.72 -6.47
C SER C 177 -21.62 11.78 -4.97
N SER C 178 -22.55 12.38 -4.23
CA SER C 178 -22.41 12.58 -2.80
C SER C 178 -23.37 11.67 -2.04
N GLY C 179 -23.19 11.66 -0.72
CA GLY C 179 -24.03 10.88 0.17
C GLY C 179 -25.33 11.54 0.57
N ASP C 180 -25.62 12.73 0.04
CA ASP C 180 -26.90 13.40 0.29
C ASP C 180 -27.92 13.10 -0.81
N THR C 181 -27.73 12.00 -1.54
CA THR C 181 -28.64 11.52 -2.56
C THR C 181 -28.61 12.34 -3.83
N THR C 182 -27.71 13.31 -3.95
CA THR C 182 -27.63 14.19 -5.11
C THR C 182 -26.28 14.04 -5.79
N CYS C 183 -26.31 14.04 -7.12
CA CYS C 183 -25.09 14.12 -7.92
C CYS C 183 -24.87 15.58 -8.31
N ALA C 184 -23.85 15.85 -9.11
CA ALA C 184 -23.56 17.20 -9.54
C ALA C 184 -22.75 17.16 -10.83
N LEU C 185 -22.65 18.32 -11.48
CA LEU C 185 -21.84 18.48 -12.68
C LEU C 185 -21.21 19.87 -12.60
N TRP C 186 -19.93 19.92 -12.25
CA TRP C 186 -19.27 21.18 -11.94
C TRP C 186 -18.58 21.77 -13.17
N ASP C 187 -18.14 23.01 -13.02
CA ASP C 187 -17.26 23.69 -13.98
C ASP C 187 -16.02 24.12 -13.21
N ILE C 188 -14.89 23.46 -13.49
CA ILE C 188 -13.74 23.57 -12.59
C ILE C 188 -13.17 24.97 -12.58
N GLU C 189 -13.21 25.67 -13.72
CA GLU C 189 -12.64 27.00 -13.78
C GLU C 189 -13.32 27.94 -12.79
N THR C 190 -14.64 27.87 -12.70
CA THR C 190 -15.42 28.72 -11.79
C THR C 190 -15.72 28.04 -10.47
N GLY C 191 -16.08 26.76 -10.48
CA GLY C 191 -16.43 26.04 -9.28
C GLY C 191 -17.91 25.97 -8.98
N GLN C 192 -18.77 26.39 -9.90
CA GLN C 192 -20.20 26.42 -9.69
C GLN C 192 -20.85 25.25 -10.43
N GLN C 193 -21.73 24.54 -9.73
CA GLN C 193 -22.41 23.39 -10.32
C GLN C 193 -23.31 23.83 -11.46
N THR C 194 -22.96 23.47 -12.69
CA THR C 194 -23.80 23.83 -13.83
C THR C 194 -25.10 23.03 -13.87
N THR C 195 -25.15 21.89 -13.18
CA THR C 195 -26.36 21.09 -13.13
C THR C 195 -26.37 20.31 -11.83
N THR C 196 -27.57 19.91 -11.41
CA THR C 196 -27.74 19.08 -10.23
C THR C 196 -28.76 18.00 -10.53
N PHE C 197 -28.48 16.79 -10.05
CA PHE C 197 -29.34 15.63 -10.26
C PHE C 197 -29.91 15.21 -8.92
N THR C 198 -31.24 15.23 -8.81
CA THR C 198 -31.93 14.82 -7.60
C THR C 198 -33.07 13.89 -7.95
N GLY C 199 -33.43 13.01 -7.01
CA GLY C 199 -34.49 12.06 -7.23
C GLY C 199 -34.24 10.72 -6.57
N HIS C 200 -33.02 10.49 -6.10
CA HIS C 200 -32.73 9.28 -5.36
C HIS C 200 -33.33 9.36 -3.95
N THR C 201 -33.56 8.19 -3.37
CA THR C 201 -34.12 8.09 -2.03
C THR C 201 -33.04 7.97 -0.96
N GLY C 202 -32.02 7.16 -1.22
CA GLY C 202 -30.91 6.98 -0.30
C GLY C 202 -29.61 7.57 -0.83
N ASP C 203 -28.54 7.27 -0.11
CA ASP C 203 -27.22 7.76 -0.51
C ASP C 203 -26.77 7.09 -1.80
N VAL C 204 -26.15 7.87 -2.68
CA VAL C 204 -25.60 7.36 -3.93
C VAL C 204 -24.18 6.89 -3.66
N MET C 205 -23.89 5.64 -4.03
CA MET C 205 -22.63 5.00 -3.69
C MET C 205 -21.66 4.92 -4.86
N SER C 206 -22.09 5.18 -6.09
CA SER C 206 -21.23 5.01 -7.24
C SER C 206 -21.83 5.71 -8.45
N LEU C 207 -21.03 5.78 -9.51
CA LEU C 207 -21.51 6.29 -10.80
C LEU C 207 -20.58 5.76 -11.88
N SER C 208 -21.02 5.89 -13.13
CA SER C 208 -20.24 5.39 -14.26
C SER C 208 -20.59 6.20 -15.49
N LEU C 209 -19.64 6.97 -16.00
CA LEU C 209 -19.85 7.75 -17.21
C LEU C 209 -19.98 6.85 -18.41
N ALA C 210 -20.80 7.27 -19.37
CA ALA C 210 -21.01 6.50 -20.58
C ALA C 210 -19.77 6.57 -21.46
N PRO C 211 -19.63 5.64 -22.42
CA PRO C 211 -18.48 5.70 -23.33
C PRO C 211 -18.40 7.01 -24.09
N ASP C 212 -19.54 7.59 -24.48
CA ASP C 212 -19.55 8.86 -25.19
C ASP C 212 -19.64 10.07 -24.26
N THR C 213 -19.85 9.86 -22.97
CA THR C 213 -19.94 10.92 -21.98
C THR C 213 -21.24 11.70 -22.07
N ARG C 214 -22.23 11.17 -22.79
CA ARG C 214 -23.53 11.82 -22.91
C ARG C 214 -24.51 11.38 -21.83
N LEU C 215 -24.24 10.27 -21.15
CA LEU C 215 -25.12 9.73 -20.13
C LEU C 215 -24.28 9.12 -19.03
N PHE C 216 -24.91 8.90 -17.87
CA PHE C 216 -24.26 8.16 -16.80
C PHE C 216 -25.33 7.58 -15.89
N VAL C 217 -24.92 6.59 -15.08
CA VAL C 217 -25.83 5.90 -14.18
C VAL C 217 -25.32 6.07 -12.75
N SER C 218 -26.07 5.52 -11.79
CA SER C 218 -25.69 5.63 -10.39
C SER C 218 -26.56 4.68 -9.57
N GLY C 219 -25.95 4.01 -8.61
CA GLY C 219 -26.68 3.13 -7.70
C GLY C 219 -26.60 3.67 -6.28
N ALA C 220 -27.70 3.56 -5.55
CA ALA C 220 -27.82 4.16 -4.23
C ALA C 220 -28.23 3.09 -3.21
N CYS C 221 -28.27 3.51 -1.95
CA CYS C 221 -28.62 2.60 -0.86
C CYS C 221 -30.08 2.17 -0.90
N ASP C 222 -30.91 2.84 -1.70
CA ASP C 222 -32.32 2.46 -1.82
C ASP C 222 -32.53 1.29 -2.77
N ALA C 223 -31.45 0.68 -3.26
CA ALA C 223 -31.54 -0.48 -4.14
C ALA C 223 -32.20 -0.12 -5.47
N SER C 224 -31.70 0.96 -6.09
CA SER C 224 -32.21 1.40 -7.37
C SER C 224 -31.09 2.10 -8.13
N ALA C 225 -31.19 2.06 -9.47
CA ALA C 225 -30.22 2.69 -10.34
C ALA C 225 -30.92 3.62 -11.31
N LYS C 226 -30.36 4.81 -11.51
CA LYS C 226 -31.00 5.83 -12.32
C LYS C 226 -30.11 6.23 -13.49
N LEU C 227 -30.70 6.30 -14.68
CA LEU C 227 -29.99 6.72 -15.89
C LEU C 227 -30.22 8.22 -16.08
N TRP C 228 -29.18 9.01 -15.84
CA TRP C 228 -29.29 10.46 -15.87
C TRP C 228 -28.96 11.00 -17.26
N ASP C 229 -29.00 12.33 -17.39
CA ASP C 229 -28.67 13.02 -18.62
C ASP C 229 -27.86 14.25 -18.26
N VAL C 230 -26.60 14.28 -18.69
CA VAL C 230 -25.70 15.36 -18.28
C VAL C 230 -26.14 16.69 -18.85
N ARG C 231 -26.68 16.69 -20.07
CA ARG C 231 -27.00 17.94 -20.74
C ARG C 231 -27.98 18.78 -19.94
N GLU C 232 -29.11 18.19 -19.54
CA GLU C 232 -30.15 18.90 -18.79
C GLU C 232 -30.31 18.42 -17.36
N GLY C 233 -30.32 17.11 -17.13
CA GLY C 233 -30.39 16.60 -15.78
C GLY C 233 -31.71 15.96 -15.41
N MET C 234 -32.29 15.19 -16.33
CA MET C 234 -33.52 14.47 -16.10
C MET C 234 -33.23 12.98 -15.93
N CYS C 235 -33.86 12.36 -14.95
CA CYS C 235 -33.77 10.91 -14.76
C CYS C 235 -34.51 10.22 -15.89
N ARG C 236 -33.76 9.74 -16.89
CA ARG C 236 -34.40 9.11 -18.04
C ARG C 236 -35.10 7.81 -17.65
N GLN C 237 -34.45 6.96 -16.85
CA GLN C 237 -35.02 5.68 -16.47
C GLN C 237 -34.59 5.34 -15.05
N THR C 238 -35.37 4.47 -14.42
CA THR C 238 -35.07 3.93 -13.10
C THR C 238 -35.20 2.42 -13.14
N PHE C 239 -34.26 1.73 -12.51
CA PHE C 239 -34.16 0.28 -12.52
C PHE C 239 -34.12 -0.22 -11.09
N THR C 240 -34.86 -1.31 -10.84
CA THR C 240 -34.92 -1.93 -9.53
C THR C 240 -34.84 -3.44 -9.70
N GLY C 241 -34.65 -4.13 -8.57
CA GLY C 241 -34.53 -5.57 -8.58
C GLY C 241 -33.57 -6.08 -7.52
N HIS C 242 -32.70 -5.21 -7.03
CA HIS C 242 -31.79 -5.57 -5.95
C HIS C 242 -32.53 -5.48 -4.61
N GLU C 243 -32.17 -6.41 -3.71
CA GLU C 243 -32.78 -6.48 -2.39
C GLU C 243 -31.93 -5.80 -1.32
N SER C 244 -30.90 -5.07 -1.72
CA SER C 244 -30.03 -4.39 -0.77
C SER C 244 -29.34 -3.24 -1.50
N ASP C 245 -28.32 -2.66 -0.84
CA ASP C 245 -27.61 -1.54 -1.43
C ASP C 245 -26.87 -1.95 -2.70
N ILE C 246 -26.67 -0.99 -3.58
CA ILE C 246 -25.86 -1.17 -4.79
C ILE C 246 -24.54 -0.46 -4.55
N ASN C 247 -23.45 -1.21 -4.54
CA ASN C 247 -22.13 -0.68 -4.22
C ASN C 247 -21.30 -0.33 -5.44
N ALA C 248 -21.53 -0.99 -6.57
CA ALA C 248 -20.70 -0.81 -7.75
C ALA C 248 -21.56 -0.86 -9.00
N ILE C 249 -21.12 -0.14 -10.03
CA ILE C 249 -21.86 -0.03 -11.28
C ILE C 249 -20.87 0.24 -12.40
N CYS C 250 -21.20 -0.22 -13.60
CA CYS C 250 -20.28 -0.11 -14.73
C CYS C 250 -21.07 -0.27 -16.03
N PHE C 251 -20.74 0.55 -17.03
CA PHE C 251 -21.32 0.38 -18.36
C PHE C 251 -20.69 -0.78 -19.12
N PHE C 252 -21.52 -1.42 -19.95
CA PHE C 252 -21.02 -2.33 -20.95
C PHE C 252 -20.14 -1.56 -21.93
N PRO C 253 -19.16 -2.20 -22.56
CA PRO C 253 -18.25 -1.45 -23.43
C PRO C 253 -18.95 -0.65 -24.52
N ASN C 254 -20.11 -1.10 -25.00
CA ASN C 254 -20.83 -0.38 -26.05
C ASN C 254 -21.78 0.67 -25.50
N GLY C 255 -21.86 0.83 -24.18
CA GLY C 255 -22.68 1.87 -23.61
C GLY C 255 -24.17 1.68 -23.79
N ASN C 256 -24.62 0.44 -24.03
CA ASN C 256 -26.04 0.14 -24.23
C ASN C 256 -26.57 -0.79 -23.15
N ALA C 257 -25.85 -0.93 -22.04
CA ALA C 257 -26.27 -1.77 -20.92
C ALA C 257 -25.35 -1.43 -19.75
N PHE C 258 -25.54 -2.10 -18.62
CA PHE C 258 -24.65 -1.92 -17.50
C PHE C 258 -24.86 -3.06 -16.51
N ALA C 259 -23.98 -3.12 -15.50
CA ALA C 259 -24.03 -4.16 -14.49
C ALA C 259 -23.95 -3.52 -13.11
N THR C 260 -24.69 -4.09 -12.17
CA THR C 260 -24.78 -3.58 -10.80
C THR C 260 -24.43 -4.69 -9.84
N GLY C 261 -23.64 -4.36 -8.82
CA GLY C 261 -23.31 -5.29 -7.76
C GLY C 261 -23.84 -4.79 -6.43
N SER C 262 -24.38 -5.69 -5.61
CA SER C 262 -25.08 -5.30 -4.39
C SER C 262 -24.65 -6.19 -3.22
N ASP C 263 -25.17 -5.84 -2.03
CA ASP C 263 -24.84 -6.55 -0.81
C ASP C 263 -25.44 -7.95 -0.75
N ASP C 264 -26.41 -8.27 -1.59
CA ASP C 264 -27.06 -9.57 -1.55
C ASP C 264 -26.29 -10.65 -2.32
N ALA C 265 -24.99 -10.43 -2.57
CA ALA C 265 -24.12 -11.43 -3.19
C ALA C 265 -24.56 -11.77 -4.60
N THR C 266 -25.13 -10.82 -5.32
CA THR C 266 -25.60 -11.03 -6.68
C THR C 266 -25.17 -9.86 -7.56
N CYS C 267 -24.88 -10.17 -8.82
CA CYS C 267 -24.70 -9.14 -9.85
C CYS C 267 -25.90 -9.18 -10.79
N ARG C 268 -26.21 -8.03 -11.39
CA ARG C 268 -27.36 -7.94 -12.28
C ARG C 268 -26.99 -7.14 -13.51
N LEU C 269 -27.37 -7.65 -14.69
CA LEU C 269 -27.11 -7.01 -15.96
C LEU C 269 -28.39 -6.34 -16.44
N PHE C 270 -28.41 -5.02 -16.46
CA PHE C 270 -29.55 -4.24 -16.93
C PHE C 270 -29.29 -3.74 -18.34
N ASP C 271 -30.36 -3.64 -19.12
CA ASP C 271 -30.30 -3.15 -20.48
C ASP C 271 -31.14 -1.88 -20.58
N LEU C 272 -30.57 -0.84 -21.20
CA LEU C 272 -31.23 0.45 -21.23
C LEU C 272 -32.39 0.47 -22.20
N ARG C 273 -32.22 -0.09 -23.39
CA ARG C 273 -33.27 -0.03 -24.40
C ARG C 273 -34.50 -0.82 -23.99
N ALA C 274 -34.30 -2.08 -23.56
CA ALA C 274 -35.43 -2.89 -23.11
C ALA C 274 -35.98 -2.38 -21.78
N ASP C 275 -35.14 -1.73 -20.98
CA ASP C 275 -35.55 -1.12 -19.71
C ASP C 275 -35.97 -2.17 -18.68
N GLN C 276 -35.20 -3.26 -18.57
CA GLN C 276 -35.46 -4.23 -17.52
C GLN C 276 -34.25 -5.14 -17.38
N GLU C 277 -34.20 -5.84 -16.26
CA GLU C 277 -33.10 -6.75 -15.98
C GLU C 277 -33.02 -7.84 -17.04
N LEU C 278 -31.79 -8.25 -17.35
CA LEU C 278 -31.54 -9.31 -18.32
C LEU C 278 -31.05 -10.59 -17.68
N MET C 279 -30.06 -10.51 -16.80
CA MET C 279 -29.46 -11.71 -16.23
C MET C 279 -28.93 -11.43 -14.82
N THR C 280 -28.90 -12.49 -14.02
CA THR C 280 -28.42 -12.44 -12.64
C THR C 280 -27.25 -13.40 -12.48
N TYR C 281 -26.18 -12.93 -11.86
CA TYR C 281 -24.98 -13.71 -11.61
C TYR C 281 -24.91 -13.97 -10.11
N SER C 282 -25.21 -15.20 -9.72
CA SER C 282 -25.23 -15.60 -8.31
C SER C 282 -25.14 -17.11 -8.21
N HIS C 283 -24.67 -17.57 -7.05
CA HIS C 283 -24.62 -18.99 -6.74
C HIS C 283 -24.86 -19.18 -5.25
N ASP C 284 -25.43 -20.33 -4.88
CA ASP C 284 -25.80 -20.56 -3.49
C ASP C 284 -24.57 -20.57 -2.58
N ASN C 285 -23.46 -21.16 -3.04
CA ASN C 285 -22.25 -21.20 -2.23
C ASN C 285 -21.55 -19.85 -2.12
N ILE C 286 -22.08 -18.81 -2.78
CA ILE C 286 -21.57 -17.45 -2.64
C ILE C 286 -22.58 -16.68 -1.80
N ILE C 287 -22.12 -16.12 -0.68
CA ILE C 287 -22.99 -15.44 0.26
C ILE C 287 -22.47 -14.08 0.70
N CYS C 288 -21.32 -13.65 0.19
CA CYS C 288 -20.72 -12.38 0.57
C CYS C 288 -21.10 -11.27 -0.39
N GLY C 289 -20.91 -10.04 0.05
CA GLY C 289 -21.26 -8.88 -0.74
C GLY C 289 -20.29 -8.64 -1.88
N ILE C 290 -20.61 -7.63 -2.69
CA ILE C 290 -19.84 -7.27 -3.86
C ILE C 290 -19.39 -5.82 -3.70
N THR C 291 -18.10 -5.58 -3.89
CA THR C 291 -17.51 -4.26 -3.66
C THR C 291 -17.15 -3.52 -4.93
N SER C 292 -17.06 -4.20 -6.07
CA SER C 292 -16.61 -3.57 -7.30
C SER C 292 -16.87 -4.51 -8.46
N VAL C 293 -17.18 -3.94 -9.62
CA VAL C 293 -17.36 -4.69 -10.86
C VAL C 293 -16.59 -4.01 -11.97
N SER C 294 -16.31 -4.78 -13.02
CA SER C 294 -15.67 -4.25 -14.21
C SER C 294 -15.87 -5.26 -15.33
N PHE C 295 -15.67 -4.81 -16.56
CA PHE C 295 -15.87 -5.62 -17.75
C PHE C 295 -14.54 -5.86 -18.45
N SER C 296 -14.60 -6.55 -19.58
CA SER C 296 -13.46 -6.79 -20.43
C SER C 296 -13.60 -5.97 -21.71
N LYS C 297 -12.48 -5.82 -22.43
CA LYS C 297 -12.49 -4.94 -23.60
C LYS C 297 -13.56 -5.32 -24.60
N SER C 298 -13.90 -6.61 -24.69
CA SER C 298 -14.96 -7.08 -25.58
C SER C 298 -16.28 -7.29 -24.85
N GLY C 299 -16.33 -6.99 -23.55
CA GLY C 299 -17.55 -7.21 -22.79
C GLY C 299 -17.98 -8.66 -22.72
N ARG C 300 -17.04 -9.58 -22.57
CA ARG C 300 -17.34 -11.00 -22.46
C ARG C 300 -17.00 -11.57 -21.09
N LEU C 301 -16.29 -10.83 -20.25
CA LEU C 301 -16.02 -11.23 -18.88
C LEU C 301 -16.45 -10.12 -17.94
N LEU C 302 -16.95 -10.51 -16.77
CA LEU C 302 -17.40 -9.58 -15.75
C LEU C 302 -16.61 -9.87 -14.49
N LEU C 303 -15.81 -8.93 -14.05
CA LEU C 303 -14.85 -9.14 -12.96
C LEU C 303 -15.39 -8.51 -11.69
N ALA C 304 -16.16 -9.28 -10.94
CA ALA C 304 -16.69 -8.84 -9.66
C ALA C 304 -15.63 -8.93 -8.58
N GLY C 305 -15.80 -8.14 -7.53
CA GLY C 305 -14.91 -8.20 -6.38
C GLY C 305 -15.68 -8.37 -5.09
N TYR C 306 -15.51 -9.50 -4.43
CA TYR C 306 -16.31 -9.87 -3.27
C TYR C 306 -15.58 -9.55 -1.97
N ASP C 307 -16.31 -9.71 -0.86
CA ASP C 307 -15.76 -9.46 0.47
C ASP C 307 -15.02 -10.66 1.04
N ASP C 308 -15.11 -11.83 0.41
CA ASP C 308 -14.43 -13.03 0.88
C ASP C 308 -12.99 -13.12 0.40
N PHE C 309 -12.40 -11.98 0.02
CA PHE C 309 -11.01 -11.83 -0.39
C PHE C 309 -10.78 -12.30 -1.82
N ASN C 310 -11.79 -12.75 -2.53
CA ASN C 310 -11.65 -13.27 -3.88
C ASN C 310 -12.36 -12.37 -4.88
N CYS C 311 -12.11 -12.65 -6.17
CA CYS C 311 -12.72 -11.91 -7.27
C CYS C 311 -13.11 -12.91 -8.34
N ASN C 312 -14.37 -13.31 -8.35
CA ASN C 312 -14.84 -14.24 -9.36
C ASN C 312 -14.86 -13.57 -10.73
N VAL C 313 -14.74 -14.38 -11.77
CA VAL C 313 -14.70 -13.92 -13.16
C VAL C 313 -15.89 -14.56 -13.86
N TRP C 314 -16.99 -13.84 -13.96
CA TRP C 314 -18.21 -14.37 -14.53
C TRP C 314 -18.19 -14.28 -16.05
N ASP C 315 -18.81 -15.27 -16.68
CA ASP C 315 -19.06 -15.24 -18.12
C ASP C 315 -20.32 -14.42 -18.33
N ALA C 316 -20.17 -13.21 -18.86
CA ALA C 316 -21.27 -12.26 -18.89
C ALA C 316 -22.48 -12.83 -19.63
N LEU C 317 -22.25 -13.58 -20.70
CA LEU C 317 -23.34 -14.07 -21.53
C LEU C 317 -23.93 -15.38 -21.04
N LYS C 318 -23.34 -16.01 -20.02
CA LYS C 318 -23.84 -17.29 -19.51
C LYS C 318 -23.95 -17.36 -18.00
N ALA C 319 -23.32 -16.45 -17.26
CA ALA C 319 -23.45 -16.38 -15.81
C ALA C 319 -22.72 -17.52 -15.10
N ASP C 320 -22.11 -18.42 -15.86
CA ASP C 320 -21.33 -19.51 -15.28
C ASP C 320 -19.91 -19.04 -15.02
N ARG C 321 -19.47 -19.16 -13.77
CA ARG C 321 -18.13 -18.72 -13.41
C ARG C 321 -17.10 -19.32 -14.36
N ALA C 322 -15.97 -18.62 -14.50
CA ALA C 322 -14.91 -19.07 -15.39
C ALA C 322 -13.53 -18.93 -14.76
N GLY C 323 -13.44 -18.52 -13.50
CA GLY C 323 -12.15 -18.39 -12.87
C GLY C 323 -12.26 -17.66 -11.54
N VAL C 324 -11.11 -17.35 -10.98
CA VAL C 324 -11.02 -16.64 -9.71
C VAL C 324 -9.67 -15.94 -9.67
N LEU C 325 -9.59 -14.84 -8.93
CA LEU C 325 -8.34 -14.13 -8.68
C LEU C 325 -8.11 -14.17 -7.18
N ALA C 326 -7.45 -15.24 -6.71
CA ALA C 326 -7.26 -15.51 -5.29
C ALA C 326 -5.79 -15.32 -4.95
N GLY C 327 -5.43 -14.10 -4.59
CA GLY C 327 -4.08 -13.81 -4.15
C GLY C 327 -4.01 -12.73 -3.10
N HIS C 328 -5.16 -12.29 -2.59
CA HIS C 328 -5.24 -11.18 -1.66
C HIS C 328 -5.48 -11.69 -0.25
N ASP C 329 -4.88 -11.01 0.72
CA ASP C 329 -4.97 -11.41 2.12
C ASP C 329 -6.15 -10.77 2.85
N ASN C 330 -6.86 -9.84 2.21
CA ASN C 330 -7.99 -9.15 2.83
C ASN C 330 -9.03 -8.87 1.75
N ARG C 331 -10.08 -8.15 2.12
CA ARG C 331 -11.18 -7.93 1.20
C ARG C 331 -10.75 -7.03 0.04
N VAL C 332 -11.23 -7.34 -1.15
CA VAL C 332 -10.91 -6.60 -2.36
C VAL C 332 -11.88 -5.43 -2.46
N SER C 333 -11.35 -4.21 -2.36
CA SER C 333 -12.18 -3.00 -2.30
C SER C 333 -12.30 -2.27 -3.62
N CYS C 334 -11.55 -2.66 -4.65
CA CYS C 334 -11.61 -1.95 -5.93
C CYS C 334 -10.84 -2.74 -6.98
N LEU C 335 -11.27 -2.60 -8.23
CA LEU C 335 -10.57 -3.22 -9.34
C LEU C 335 -10.85 -2.43 -10.61
N GLY C 336 -9.99 -2.62 -11.60
CA GLY C 336 -10.11 -1.89 -12.85
C GLY C 336 -9.39 -2.58 -13.98
N VAL C 337 -9.84 -2.30 -15.20
CA VAL C 337 -9.29 -2.89 -16.42
C VAL C 337 -8.81 -1.76 -17.32
N THR C 338 -7.66 -1.98 -17.97
CA THR C 338 -7.05 -0.94 -18.79
C THR C 338 -7.86 -0.71 -20.06
N ASP C 339 -7.62 0.44 -20.70
CA ASP C 339 -8.33 0.76 -21.94
C ASP C 339 -8.01 -0.24 -23.04
N ASP C 340 -6.74 -0.62 -23.18
CA ASP C 340 -6.35 -1.62 -24.17
C ASP C 340 -6.76 -3.03 -23.76
N GLY C 341 -7.28 -3.22 -22.55
CA GLY C 341 -7.70 -4.53 -22.11
C GLY C 341 -6.56 -5.52 -21.97
N MET C 342 -5.43 -5.05 -21.47
CA MET C 342 -4.22 -5.87 -21.40
C MET C 342 -3.96 -6.41 -20.00
N ALA C 343 -4.38 -5.71 -18.96
CA ALA C 343 -4.18 -6.15 -17.59
C ALA C 343 -5.32 -5.63 -16.73
N VAL C 344 -5.50 -6.27 -15.58
CA VAL C 344 -6.52 -5.86 -14.61
C VAL C 344 -5.85 -5.68 -13.26
N ALA C 345 -6.03 -4.51 -12.66
CA ALA C 345 -5.47 -4.20 -11.35
C ALA C 345 -6.54 -4.36 -10.29
N THR C 346 -6.11 -4.80 -9.11
CA THR C 346 -7.02 -4.99 -7.98
C THR C 346 -6.36 -4.46 -6.73
N GLY C 347 -7.07 -3.62 -5.99
CA GLY C 347 -6.63 -3.20 -4.69
C GLY C 347 -7.29 -4.02 -3.60
N SER C 348 -6.90 -3.74 -2.36
CA SER C 348 -7.40 -4.52 -1.23
C SER C 348 -7.08 -3.78 0.06
N TRP C 349 -7.54 -4.36 1.17
CA TRP C 349 -7.38 -3.76 2.48
C TRP C 349 -6.05 -4.11 3.15
N ASP C 350 -5.20 -4.89 2.48
CA ASP C 350 -3.87 -5.20 2.99
C ASP C 350 -2.80 -4.26 2.46
N SER C 351 -3.19 -3.20 1.75
CA SER C 351 -2.32 -2.13 1.29
C SER C 351 -1.48 -2.50 0.08
N PHE C 352 -1.87 -3.53 -0.68
CA PHE C 352 -1.14 -3.94 -1.87
C PHE C 352 -2.07 -3.96 -3.08
N LEU C 353 -1.59 -3.40 -4.19
CA LEU C 353 -2.26 -3.51 -5.48
C LEU C 353 -1.59 -4.62 -6.27
N LYS C 354 -2.39 -5.39 -7.00
CA LYS C 354 -1.89 -6.49 -7.78
C LYS C 354 -2.32 -6.35 -9.23
N ILE C 355 -1.39 -6.61 -10.14
CA ILE C 355 -1.65 -6.57 -11.58
C ILE C 355 -1.82 -8.01 -12.04
N TRP C 356 -2.84 -8.27 -12.87
CA TRP C 356 -3.23 -9.61 -13.25
C TRP C 356 -3.42 -9.66 -14.76
N ASN C 357 -3.12 -10.82 -15.34
CA ASN C 357 -3.49 -11.11 -16.72
C ASN C 357 -3.05 -12.51 -17.12
N ASN D 5 -48.24 20.67 3.67
CA ASN D 5 -49.40 20.66 2.76
C ASN D 5 -48.96 20.83 1.31
N THR D 6 -48.47 22.04 0.98
CA THR D 6 -48.06 22.31 -0.39
C THR D 6 -46.94 21.38 -0.82
N ALA D 7 -46.05 21.02 0.10
CA ALA D 7 -44.92 20.15 -0.25
C ALA D 7 -45.40 18.80 -0.73
N SER D 8 -46.43 18.23 -0.08
CA SER D 8 -46.91 16.91 -0.45
C SER D 8 -47.47 16.91 -1.86
N ILE D 9 -48.34 17.87 -2.16
CA ILE D 9 -48.93 17.94 -3.49
C ILE D 9 -47.85 18.23 -4.53
N ALA D 10 -46.89 19.08 -4.19
CA ALA D 10 -45.82 19.40 -5.13
C ALA D 10 -44.99 18.17 -5.48
N GLN D 11 -44.56 17.43 -4.46
CA GLN D 11 -43.76 16.23 -4.73
C GLN D 11 -44.58 15.18 -5.46
N ALA D 12 -45.86 15.04 -5.11
CA ALA D 12 -46.70 14.08 -5.81
C ALA D 12 -46.83 14.43 -7.28
N ARG D 13 -47.12 15.70 -7.59
CA ARG D 13 -47.26 16.08 -9.00
C ARG D 13 -45.94 15.91 -9.73
N LYS D 14 -44.81 16.26 -9.09
CA LYS D 14 -43.51 16.10 -9.73
C LYS D 14 -43.25 14.64 -10.06
N LEU D 15 -43.54 13.75 -9.11
CA LEU D 15 -43.45 12.32 -9.40
C LEU D 15 -44.40 11.94 -10.53
N VAL D 16 -45.53 12.64 -10.66
CA VAL D 16 -46.46 12.35 -11.73
C VAL D 16 -45.82 12.64 -13.09
N GLU D 17 -45.23 13.84 -13.26
CA GLU D 17 -44.57 14.10 -14.54
C GLU D 17 -43.40 13.15 -14.75
N GLN D 18 -42.69 12.80 -13.67
CA GLN D 18 -41.57 11.88 -13.82
C GLN D 18 -42.04 10.54 -14.34
N LEU D 19 -43.15 10.02 -13.80
CA LEU D 19 -43.69 8.75 -14.27
C LEU D 19 -44.19 8.87 -15.71
N LYS D 20 -44.84 9.98 -16.06
CA LYS D 20 -45.20 10.20 -17.45
C LYS D 20 -43.98 10.09 -18.36
N MET D 21 -42.92 10.82 -18.03
CA MET D 21 -41.73 10.81 -18.87
C MET D 21 -41.12 9.42 -18.97
N GLU D 22 -41.04 8.71 -17.85
CA GLU D 22 -40.43 7.37 -17.87
C GLU D 22 -41.28 6.39 -18.67
N ALA D 23 -42.60 6.48 -18.55
CA ALA D 23 -43.48 5.54 -19.23
C ALA D 23 -43.73 5.91 -20.69
N ASN D 24 -43.34 7.11 -21.12
CA ASN D 24 -43.53 7.52 -22.50
C ASN D 24 -42.41 7.06 -23.42
N ILE D 25 -41.41 6.33 -22.90
CA ILE D 25 -40.31 5.89 -23.75
C ILE D 25 -40.77 4.75 -24.65
N ASP D 26 -39.94 4.45 -25.65
CA ASP D 26 -40.20 3.37 -26.60
C ASP D 26 -39.25 2.23 -26.30
N ARG D 27 -39.81 1.09 -25.89
CA ARG D 27 -39.02 -0.08 -25.50
C ARG D 27 -39.03 -1.09 -26.63
N ILE D 28 -37.96 -1.89 -26.70
CA ILE D 28 -37.82 -2.93 -27.71
C ILE D 28 -37.84 -4.29 -27.03
N LYS D 29 -38.01 -5.34 -27.85
CA LYS D 29 -38.08 -6.69 -27.33
C LYS D 29 -36.71 -7.16 -26.88
N VAL D 30 -36.68 -7.93 -25.78
CA VAL D 30 -35.41 -8.40 -25.25
C VAL D 30 -34.71 -9.32 -26.24
N SER D 31 -35.48 -10.03 -27.07
CA SER D 31 -34.87 -10.92 -28.06
C SER D 31 -33.92 -10.16 -28.97
N LYS D 32 -34.22 -8.89 -29.27
CA LYS D 32 -33.35 -8.04 -30.06
C LYS D 32 -32.37 -7.25 -29.20
N ALA D 33 -32.79 -6.80 -28.02
CA ALA D 33 -31.89 -6.11 -27.11
C ALA D 33 -30.86 -7.03 -26.48
N ALA D 34 -31.01 -8.35 -26.63
CA ALA D 34 -30.03 -9.30 -26.15
C ALA D 34 -29.11 -9.82 -27.26
N ALA D 35 -29.58 -9.83 -28.50
CA ALA D 35 -28.73 -10.27 -29.61
C ALA D 35 -27.64 -9.25 -29.90
N ASP D 36 -27.87 -7.98 -29.57
CA ASP D 36 -26.83 -6.97 -29.76
C ASP D 36 -25.63 -7.24 -28.86
N LEU D 37 -25.88 -7.62 -27.61
CA LEU D 37 -24.78 -7.93 -26.71
C LEU D 37 -24.04 -9.21 -27.10
N MET D 38 -24.67 -10.06 -27.91
CA MET D 38 -23.96 -11.20 -28.46
C MET D 38 -23.12 -10.80 -29.67
N ALA D 39 -23.71 -10.01 -30.58
CA ALA D 39 -22.97 -9.58 -31.76
C ALA D 39 -21.76 -8.75 -31.38
N TYR D 40 -21.91 -7.86 -30.39
CA TYR D 40 -20.79 -7.05 -29.96
C TYR D 40 -19.65 -7.91 -29.45
N CYS D 41 -19.97 -8.92 -28.63
CA CYS D 41 -18.91 -9.77 -28.07
C CYS D 41 -18.25 -10.60 -29.17
N GLU D 42 -19.03 -11.18 -30.07
CA GLU D 42 -18.43 -11.99 -31.14
C GLU D 42 -17.56 -11.13 -32.05
N ALA D 43 -18.01 -9.92 -32.37
CA ALA D 43 -17.25 -9.07 -33.28
C ALA D 43 -15.90 -8.69 -32.69
N HIS D 44 -15.86 -8.34 -31.42
CA HIS D 44 -14.66 -7.81 -30.77
C HIS D 44 -13.90 -8.86 -29.96
N ALA D 45 -14.23 -10.14 -30.15
CA ALA D 45 -13.60 -11.17 -29.32
C ALA D 45 -12.11 -11.29 -29.61
N LYS D 46 -11.71 -11.07 -30.87
CA LYS D 46 -10.31 -11.30 -31.25
C LYS D 46 -9.36 -10.46 -30.43
N GLU D 47 -9.60 -9.14 -30.39
CA GLU D 47 -8.68 -8.21 -29.70
C GLU D 47 -9.10 -8.03 -28.24
N ASP D 48 -9.19 -9.16 -27.54
CA ASP D 48 -9.50 -9.19 -26.11
C ASP D 48 -8.42 -10.02 -25.42
N PRO D 49 -7.33 -9.39 -24.98
CA PRO D 49 -6.23 -10.14 -24.36
C PRO D 49 -6.66 -11.06 -23.23
N LEU D 50 -7.34 -10.50 -22.22
CA LEU D 50 -7.71 -11.30 -21.05
C LEU D 50 -8.55 -12.50 -21.44
N LEU D 51 -9.42 -12.35 -22.44
CA LEU D 51 -10.23 -13.46 -22.90
C LEU D 51 -9.37 -14.54 -23.54
N THR D 52 -8.52 -14.15 -24.48
CA THR D 52 -7.65 -15.09 -25.19
C THR D 52 -6.20 -14.83 -24.80
N PRO D 53 -5.53 -15.73 -24.10
CA PRO D 53 -4.17 -15.44 -23.65
C PRO D 53 -3.23 -15.16 -24.82
N VAL D 54 -2.32 -14.22 -24.62
CA VAL D 54 -1.37 -13.83 -25.65
C VAL D 54 0.02 -14.37 -25.27
N PRO D 55 0.88 -14.66 -26.24
CA PRO D 55 2.22 -15.14 -25.89
C PRO D 55 3.01 -14.06 -25.15
N ALA D 56 3.90 -14.51 -24.26
CA ALA D 56 4.66 -13.59 -23.42
C ALA D 56 5.60 -12.70 -24.22
N SER D 57 5.71 -12.89 -25.53
CA SER D 57 6.61 -12.06 -26.32
C SER D 57 6.18 -10.60 -26.28
N GLU D 58 4.87 -10.34 -26.38
CA GLU D 58 4.34 -8.98 -26.44
C GLU D 58 3.52 -8.62 -25.20
N ASN D 59 3.73 -9.33 -24.09
CA ASN D 59 3.02 -9.06 -22.85
C ASN D 59 3.83 -8.07 -22.02
N PRO D 60 3.38 -6.83 -21.82
CA PRO D 60 4.20 -5.87 -21.07
C PRO D 60 4.48 -6.27 -19.64
N PHE D 61 3.68 -7.16 -19.07
CA PHE D 61 3.81 -7.60 -17.67
C PHE D 61 4.31 -9.03 -17.59
N ARG D 62 5.30 -9.37 -18.42
CA ARG D 62 5.75 -10.75 -18.59
C ARG D 62 6.86 -11.14 -17.64
N ASP E 1 8.98 33.66 -13.47
CA ASP E 1 9.29 33.49 -12.01
C ASP E 1 10.57 32.67 -11.81
N VAL E 2 10.78 31.69 -12.67
CA VAL E 2 11.95 30.81 -12.58
C VAL E 2 13.18 31.59 -13.00
N GLN E 3 14.23 31.50 -12.19
CA GLN E 3 15.49 32.17 -12.49
C GLN E 3 16.65 31.32 -12.02
N LEU E 4 17.70 31.29 -12.85
CA LEU E 4 18.98 30.66 -12.51
C LEU E 4 20.05 31.69 -12.82
N VAL E 5 20.58 32.34 -11.79
CA VAL E 5 21.54 33.43 -11.94
C VAL E 5 22.91 32.92 -11.54
N GLU E 6 23.86 32.96 -12.47
CA GLU E 6 25.21 32.50 -12.22
C GLU E 6 26.15 33.67 -11.99
N SER E 7 27.16 33.44 -11.16
CA SER E 7 28.14 34.48 -10.83
C SER E 7 29.43 33.81 -10.41
N GLY E 8 30.50 34.61 -10.38
CA GLY E 8 31.81 34.13 -9.97
C GLY E 8 32.81 34.04 -11.10
N GLY E 9 32.52 34.73 -12.21
CA GLY E 9 33.39 34.74 -13.37
C GLY E 9 34.43 35.84 -13.28
N GLY E 10 35.23 35.94 -14.35
CA GLY E 10 36.24 36.97 -14.43
C GLY E 10 37.57 36.49 -14.96
N LEU E 11 38.64 37.21 -14.59
CA LEU E 11 39.99 36.95 -15.08
C LEU E 11 40.74 36.11 -14.05
N VAL E 12 41.43 35.07 -14.53
CA VAL E 12 42.23 34.19 -13.68
C VAL E 12 43.56 33.93 -14.36
N GLN E 13 44.64 33.96 -13.58
CA GLN E 13 45.93 33.55 -14.09
C GLN E 13 46.00 32.02 -14.17
N PRO E 14 46.80 31.48 -15.10
CA PRO E 14 46.89 30.02 -15.21
C PRO E 14 47.39 29.39 -13.92
N GLY E 15 46.87 28.21 -13.61
CA GLY E 15 47.23 27.51 -12.40
C GLY E 15 46.50 27.95 -11.16
N GLY E 16 45.64 28.95 -11.26
CA GLY E 16 44.87 29.42 -10.12
C GLY E 16 43.63 28.58 -9.88
N SER E 17 42.68 29.16 -9.15
CA SER E 17 41.46 28.46 -8.81
C SER E 17 40.33 29.48 -8.66
N ARG E 18 39.11 28.99 -8.78
CA ARG E 18 37.93 29.86 -8.69
C ARG E 18 36.72 29.02 -8.34
N LYS E 19 35.63 29.71 -8.00
CA LYS E 19 34.36 29.08 -7.67
C LYS E 19 33.23 29.82 -8.37
N LEU E 20 32.33 29.06 -8.98
CA LEU E 20 31.15 29.59 -9.65
C LEU E 20 29.92 29.18 -8.87
N SER E 21 29.00 30.13 -8.70
CA SER E 21 27.76 29.91 -7.95
C SER E 21 26.56 30.14 -8.84
N CYS E 22 25.49 29.39 -8.55
CA CYS E 22 24.25 29.43 -9.32
C CYS E 22 23.11 29.51 -8.32
N SER E 23 22.46 30.68 -8.25
CA SER E 23 21.32 30.90 -7.38
C SER E 23 20.05 30.58 -8.15
N ALA E 24 19.25 29.65 -7.63
CA ALA E 24 18.03 29.20 -8.27
C ALA E 24 16.84 29.65 -7.46
N SER E 25 15.86 30.28 -8.12
CA SER E 25 14.70 30.80 -7.41
C SER E 25 13.47 30.69 -8.28
N GLY E 26 12.39 30.15 -7.71
CA GLY E 26 11.11 30.06 -8.40
C GLY E 26 10.63 28.66 -8.70
N PHE E 27 11.31 27.63 -8.20
CA PHE E 27 10.88 26.26 -8.44
C PHE E 27 11.42 25.39 -7.32
N ALA E 28 10.90 24.17 -7.23
CA ALA E 28 11.32 23.22 -6.21
C ALA E 28 12.73 22.72 -6.51
N PHE E 29 13.73 23.38 -5.93
CA PHE E 29 15.12 23.11 -6.29
C PHE E 29 15.52 21.67 -5.98
N SER E 30 15.11 21.16 -4.82
CA SER E 30 15.59 19.86 -4.36
C SER E 30 15.14 18.73 -5.27
N SER E 31 14.13 18.94 -6.10
CA SER E 31 13.59 17.87 -6.94
C SER E 31 14.27 17.78 -8.29
N PHE E 32 15.27 18.61 -8.56
CA PHE E 32 15.88 18.72 -9.88
C PHE E 32 17.36 18.35 -9.81
N GLY E 33 17.80 17.50 -10.74
CA GLY E 33 19.22 17.34 -10.97
C GLY E 33 19.75 18.50 -11.79
N MET E 34 21.03 18.81 -11.60
CA MET E 34 21.63 20.00 -12.18
C MET E 34 22.86 19.64 -13.01
N HIS E 35 23.11 20.46 -14.02
CA HIS E 35 24.26 20.32 -14.90
C HIS E 35 24.96 21.66 -15.02
N TRP E 36 26.28 21.59 -15.20
CA TRP E 36 27.09 22.70 -15.64
C TRP E 36 27.54 22.40 -17.06
N VAL E 37 27.26 23.33 -17.98
CA VAL E 37 27.58 23.17 -19.40
C VAL E 37 28.29 24.43 -19.87
N ARG E 38 29.45 24.27 -20.51
CA ARG E 38 30.28 25.41 -20.88
C ARG E 38 30.38 25.53 -22.40
N GLN E 39 30.61 26.75 -22.85
CA GLN E 39 30.78 27.05 -24.27
C GLN E 39 31.96 27.99 -24.43
N ALA E 40 32.97 27.55 -25.17
CA ALA E 40 34.09 28.42 -25.47
C ALA E 40 33.65 29.52 -26.43
N PRO E 41 34.34 30.66 -26.45
CA PRO E 41 33.80 31.84 -27.13
C PRO E 41 33.33 31.58 -28.56
N GLU E 42 34.23 31.17 -29.44
CA GLU E 42 33.89 30.88 -30.84
C GLU E 42 33.74 29.37 -31.05
N LYS E 43 32.86 28.75 -30.28
CA LYS E 43 32.71 27.29 -30.33
C LYS E 43 31.27 26.92 -29.95
N GLY E 44 31.02 25.61 -29.88
CA GLY E 44 29.73 25.10 -29.47
C GLY E 44 29.72 24.68 -28.02
N LEU E 45 28.58 24.15 -27.60
CA LEU E 45 28.39 23.75 -26.21
C LEU E 45 29.16 22.47 -25.91
N GLU E 46 29.54 22.31 -24.64
CA GLU E 46 30.25 21.12 -24.19
C GLU E 46 29.86 20.84 -22.75
N TRP E 47 29.30 19.66 -22.51
CA TRP E 47 28.89 19.27 -21.17
C TRP E 47 30.09 19.20 -20.24
N VAL E 48 29.88 19.60 -18.98
CA VAL E 48 30.98 19.68 -18.02
C VAL E 48 30.71 18.79 -16.81
N ALA E 49 29.61 19.01 -16.09
CA ALA E 49 29.40 18.31 -14.83
C ALA E 49 27.96 17.82 -14.73
N TYR E 50 27.66 17.09 -13.66
CA TYR E 50 26.29 16.68 -13.38
C TYR E 50 26.18 16.24 -11.92
N ILE E 51 25.17 16.75 -11.22
CA ILE E 51 24.87 16.30 -9.85
C ILE E 51 23.38 16.05 -9.71
N SER E 52 23.00 14.85 -9.27
CA SER E 52 21.60 14.44 -9.29
C SER E 52 20.85 15.04 -8.10
N SER E 53 19.61 14.59 -7.94
CA SER E 53 18.77 15.05 -6.85
C SER E 53 19.13 14.33 -5.57
N GLY E 54 19.39 15.09 -4.51
CA GLY E 54 19.86 14.54 -3.26
C GLY E 54 21.35 14.30 -3.17
N SER E 55 22.11 14.73 -4.18
CA SER E 55 23.56 14.60 -4.19
C SER E 55 24.01 13.15 -4.17
N GLY E 56 23.18 12.24 -4.66
CA GLY E 56 23.49 10.83 -4.67
C GLY E 56 24.19 10.32 -5.90
N THR E 57 24.56 11.19 -6.84
CA THR E 57 25.25 10.77 -8.04
C THR E 57 25.91 11.99 -8.68
N ILE E 58 27.22 11.94 -8.87
CA ILE E 58 27.98 13.04 -9.44
C ILE E 58 28.81 12.50 -10.59
N TYR E 59 28.65 13.08 -11.77
CA TYR E 59 29.45 12.74 -12.94
C TYR E 59 30.24 13.96 -13.39
N TYR E 60 31.44 13.70 -13.93
CA TYR E 60 32.31 14.74 -14.43
C TYR E 60 32.71 14.38 -15.86
N ALA E 61 33.10 15.41 -16.62
CA ALA E 61 33.62 15.19 -17.96
C ALA E 61 35.09 14.78 -17.88
N ASP E 62 35.51 13.99 -18.87
CA ASP E 62 36.87 13.46 -18.85
C ASP E 62 37.93 14.55 -18.96
N THR E 63 37.56 15.74 -19.45
CA THR E 63 38.50 16.84 -19.58
C THR E 63 38.66 17.63 -18.29
N VAL E 64 37.80 17.43 -17.31
CA VAL E 64 37.86 18.17 -16.04
C VAL E 64 37.94 17.28 -14.83
N LYS E 65 37.86 15.95 -15.00
CA LYS E 65 37.82 15.05 -13.86
C LYS E 65 39.09 15.20 -13.03
N GLY E 66 38.92 15.31 -11.72
CA GLY E 66 40.05 15.51 -10.83
C GLY E 66 40.26 16.96 -10.45
N ARG E 67 40.05 17.86 -11.41
CA ARG E 67 40.25 19.29 -11.18
C ARG E 67 38.98 19.99 -10.70
N PHE E 68 37.84 19.69 -11.32
CA PHE E 68 36.59 20.36 -11.01
C PHE E 68 35.77 19.51 -10.05
N THR E 69 35.07 20.17 -9.13
CA THR E 69 34.19 19.50 -8.18
C THR E 69 32.87 20.24 -8.11
N ILE E 70 31.76 19.52 -8.30
CA ILE E 70 30.42 20.10 -8.33
C ILE E 70 29.72 19.76 -7.03
N SER E 71 28.90 20.69 -6.54
CA SER E 71 28.17 20.46 -5.29
C SER E 71 26.93 21.33 -5.29
N ARG E 72 26.05 21.10 -4.31
CA ARG E 72 24.81 21.85 -4.19
C ARG E 72 24.46 22.03 -2.72
N ASP E 73 23.75 23.12 -2.43
CA ASP E 73 23.25 23.44 -1.09
C ASP E 73 21.74 23.67 -1.24
N ASP E 74 20.96 22.65 -0.92
CA ASP E 74 19.51 22.75 -1.01
C ASP E 74 18.92 23.78 -0.05
N PRO E 75 19.28 23.80 1.23
CA PRO E 75 18.62 24.73 2.15
C PRO E 75 18.59 26.18 1.67
N LYS E 76 19.68 26.68 1.08
CA LYS E 76 19.71 28.04 0.56
C LYS E 76 19.68 28.08 -0.96
N ASN E 77 19.37 26.95 -1.61
CA ASN E 77 19.11 26.91 -3.04
C ASN E 77 20.28 27.51 -3.84
N THR E 78 21.40 26.79 -3.79
CA THR E 78 22.58 27.21 -4.54
C THR E 78 23.27 25.99 -5.15
N LEU E 79 23.95 26.21 -6.27
CA LEU E 79 24.77 25.18 -6.92
C LEU E 79 26.17 25.72 -7.15
N PHE E 80 27.18 24.96 -6.75
CA PHE E 80 28.56 25.41 -6.76
C PHE E 80 29.42 24.55 -7.67
N LEU E 81 30.39 25.18 -8.31
CA LEU E 81 31.44 24.49 -9.06
C LEU E 81 32.78 25.06 -8.64
N GLN E 82 33.66 24.20 -8.13
CA GLN E 82 35.00 24.57 -7.69
C GLN E 82 35.99 24.10 -8.74
N MET E 83 36.75 25.04 -9.29
CA MET E 83 37.71 24.77 -10.36
C MET E 83 39.11 25.07 -9.84
N THR E 84 40.03 24.14 -10.05
CA THR E 84 41.41 24.27 -9.60
C THR E 84 42.35 23.89 -10.73
N SER E 85 43.54 24.50 -10.71
CA SER E 85 44.56 24.26 -11.74
C SER E 85 44.01 24.57 -13.12
N LEU E 86 43.64 25.83 -13.32
CA LEU E 86 42.95 26.24 -14.53
C LEU E 86 43.92 26.33 -15.70
N ARG E 87 43.64 25.57 -16.75
CA ARG E 87 44.42 25.61 -17.98
C ARG E 87 44.06 26.87 -18.75
N SER E 88 44.60 27.01 -19.96
CA SER E 88 44.18 28.07 -20.87
C SER E 88 42.99 27.66 -21.73
N GLU E 89 42.60 26.40 -21.69
CA GLU E 89 41.44 25.91 -22.43
C GLU E 89 40.14 26.05 -21.65
N ASP E 90 40.20 26.53 -20.41
CA ASP E 90 39.01 26.74 -19.59
C ASP E 90 38.47 28.16 -19.72
N THR E 91 38.69 28.81 -20.86
CA THR E 91 38.10 30.10 -21.16
C THR E 91 36.78 29.86 -21.87
N ALA E 92 35.68 30.28 -21.25
CA ALA E 92 34.37 29.96 -21.79
C ALA E 92 33.30 30.64 -20.93
N MET E 93 32.06 30.56 -21.40
CA MET E 93 30.90 31.00 -20.63
C MET E 93 30.18 29.76 -20.13
N TYR E 94 29.85 29.76 -18.83
CA TYR E 94 29.30 28.61 -18.15
C TYR E 94 27.81 28.83 -17.92
N TYR E 95 27.02 27.78 -18.14
CA TYR E 95 25.58 27.78 -18.00
C TYR E 95 25.15 26.76 -16.98
N CYS E 96 24.13 27.14 -16.22
CA CYS E 96 23.50 26.33 -15.18
C CYS E 96 22.22 25.76 -15.78
N VAL E 97 22.07 24.44 -15.74
CA VAL E 97 20.95 23.77 -16.39
C VAL E 97 20.24 22.88 -15.39
N ARG E 98 18.91 22.83 -15.48
CA ARG E 98 18.08 22.00 -14.62
C ARG E 98 17.50 20.84 -15.42
N SER E 99 17.22 19.73 -14.74
CA SER E 99 16.76 18.54 -15.42
C SER E 99 16.09 17.62 -14.42
N ILE E 100 14.88 17.14 -14.73
CA ILE E 100 14.11 16.28 -13.84
C ILE E 100 13.78 14.99 -14.59
N TYR E 101 14.02 13.85 -13.94
CA TYR E 101 13.85 12.55 -14.55
C TYR E 101 12.75 11.79 -13.84
N TYR E 102 11.66 11.56 -14.55
CA TYR E 102 10.63 10.59 -14.19
C TYR E 102 9.87 10.26 -15.46
N TYR E 103 8.98 9.28 -15.38
CA TYR E 103 8.31 8.82 -16.59
C TYR E 103 7.57 9.97 -17.27
N GLY E 104 8.00 10.30 -18.49
CA GLY E 104 7.31 11.30 -19.28
C GLY E 104 7.70 12.73 -19.01
N SER E 105 8.81 12.97 -18.31
CA SER E 105 9.24 14.33 -18.02
C SER E 105 10.02 14.90 -19.20
N SER E 106 10.42 16.17 -19.07
CA SER E 106 11.20 16.86 -20.10
C SER E 106 12.49 17.37 -19.48
N PRO E 107 13.58 16.61 -19.56
CA PRO E 107 14.87 17.09 -19.04
C PRO E 107 15.44 18.21 -19.89
N PHE E 108 16.36 18.96 -19.29
CA PHE E 108 17.08 20.03 -19.98
C PHE E 108 16.11 21.08 -20.52
N ASP E 109 15.38 21.72 -19.61
CA ASP E 109 14.32 22.65 -20.02
C ASP E 109 14.45 24.01 -19.37
N PHE E 110 15.62 24.37 -18.85
CA PHE E 110 15.85 25.75 -18.44
C PHE E 110 17.34 26.02 -18.23
N TRP E 111 17.85 27.07 -18.88
CA TRP E 111 19.26 27.42 -18.83
C TRP E 111 19.40 28.81 -18.21
N GLY E 112 20.46 29.00 -17.43
CA GLY E 112 20.71 30.28 -16.80
C GLY E 112 21.32 31.28 -17.75
N GLN E 113 21.50 32.50 -17.25
CA GLN E 113 22.10 33.55 -18.07
C GLN E 113 23.52 33.18 -18.48
N GLY E 114 24.30 32.68 -17.54
CA GLY E 114 25.65 32.25 -17.79
C GLY E 114 26.67 33.29 -17.40
N THR E 115 27.87 32.83 -17.04
CA THR E 115 28.94 33.71 -16.57
C THR E 115 30.23 33.41 -17.31
N THR E 116 31.02 34.45 -17.57
CA THR E 116 32.22 34.34 -18.38
C THR E 116 33.45 34.14 -17.51
N LEU E 117 34.33 33.25 -17.96
CA LEU E 117 35.61 32.98 -17.29
C LEU E 117 36.70 33.05 -18.34
N THR E 118 37.68 33.93 -18.13
CA THR E 118 38.80 34.10 -19.03
C THR E 118 40.10 33.89 -18.26
N VAL E 119 41.02 33.14 -18.85
CA VAL E 119 42.31 32.84 -18.25
C VAL E 119 43.40 33.31 -19.21
N SER E 120 44.26 34.19 -18.72
CA SER E 120 45.28 34.79 -19.57
C SER E 120 46.28 33.75 -20.04
N SER E 121 46.79 33.94 -21.25
CA SER E 121 47.75 33.01 -21.81
C SER E 121 49.03 33.02 -21.00
N GLY E 122 49.57 31.83 -20.74
CA GLY E 122 50.79 31.70 -19.96
C GLY E 122 50.99 30.29 -19.43
N GLY E 135 37.82 8.09 -28.20
CA GLY E 135 37.53 6.99 -27.29
C GLY E 135 36.22 6.30 -27.62
N SER E 136 35.57 5.76 -26.59
CA SER E 136 34.28 5.10 -26.75
C SER E 136 33.11 6.07 -26.68
N ASP E 137 33.36 7.35 -26.43
CA ASP E 137 32.29 8.33 -26.33
C ASP E 137 31.56 8.46 -27.66
N ILE E 138 30.24 8.63 -27.59
CA ILE E 138 29.44 8.80 -28.79
C ILE E 138 29.71 10.18 -29.39
N VAL E 139 29.93 10.22 -30.70
CA VAL E 139 30.25 11.44 -31.41
C VAL E 139 29.05 11.83 -32.27
N MET E 140 28.54 13.05 -32.05
CA MET E 140 27.43 13.58 -32.82
C MET E 140 27.98 14.39 -33.98
N THR E 141 27.45 14.16 -35.17
CA THR E 141 27.93 14.79 -36.39
C THR E 141 26.82 15.59 -37.03
N GLN E 142 27.11 16.85 -37.35
CA GLN E 142 26.24 17.70 -38.16
C GLN E 142 27.06 18.13 -39.38
N ALA E 143 27.03 17.31 -40.43
CA ALA E 143 27.88 17.56 -41.58
C ALA E 143 27.68 18.97 -42.13
N THR E 144 26.43 19.33 -42.40
CA THR E 144 26.14 20.70 -42.80
C THR E 144 26.27 21.63 -41.59
N SER E 145 26.80 22.82 -41.83
CA SER E 145 27.06 23.78 -40.76
C SER E 145 26.65 25.20 -41.13
N SER E 146 25.80 25.38 -42.13
CA SER E 146 25.32 26.70 -42.51
C SER E 146 24.16 26.54 -43.49
N VAL E 147 23.13 27.36 -43.32
CA VAL E 147 21.96 27.31 -44.18
C VAL E 147 21.37 28.72 -44.29
N PRO E 148 21.29 29.31 -45.49
CA PRO E 148 20.60 30.59 -45.63
C PRO E 148 19.13 30.40 -45.94
N VAL E 149 18.26 31.12 -45.22
CA VAL E 149 16.82 30.96 -45.36
C VAL E 149 16.16 32.32 -45.44
N THR E 150 14.91 32.32 -45.91
CA THR E 150 14.09 33.51 -46.00
C THR E 150 12.76 33.27 -45.32
N PRO E 151 12.13 34.31 -44.78
CA PRO E 151 10.85 34.10 -44.07
C PRO E 151 9.81 33.46 -44.97
N GLY E 152 8.99 32.60 -44.38
CA GLY E 152 7.94 31.92 -45.11
C GLY E 152 8.37 30.67 -45.84
N LEU E 153 9.56 30.15 -45.56
CA LEU E 153 10.07 28.96 -46.23
C LEU E 153 10.43 27.90 -45.18
N SER E 154 10.24 26.64 -45.56
CA SER E 154 10.47 25.52 -44.66
C SER E 154 11.94 25.13 -44.66
N VAL E 155 12.48 24.83 -43.49
CA VAL E 155 13.88 24.48 -43.33
C VAL E 155 13.97 23.04 -42.82
N SER E 156 15.15 22.44 -42.98
CA SER E 156 15.38 21.08 -42.52
C SER E 156 16.82 20.96 -42.05
N ILE E 157 17.02 20.77 -40.75
CA ILE E 157 18.33 20.54 -40.17
C ILE E 157 18.49 19.06 -39.93
N SER E 158 19.73 18.58 -39.92
CA SER E 158 20.01 17.16 -39.79
C SER E 158 21.12 16.91 -38.79
N CYS E 159 21.05 15.75 -38.14
CA CYS E 159 22.06 15.30 -37.18
C CYS E 159 22.30 13.82 -37.41
N ARG E 160 23.53 13.38 -37.12
CA ARG E 160 23.93 11.98 -37.30
C ARG E 160 24.66 11.50 -36.05
N SER E 161 24.53 10.22 -35.77
CA SER E 161 25.12 9.61 -34.60
C SER E 161 25.94 8.39 -34.98
N SER E 162 27.04 8.17 -34.25
CA SER E 162 27.90 7.03 -34.51
C SER E 162 27.32 5.72 -34.01
N LYS E 163 26.35 5.78 -33.10
CA LYS E 163 25.75 4.59 -32.51
C LYS E 163 24.23 4.72 -32.56
N SER E 164 23.56 3.58 -32.60
CA SER E 164 22.10 3.56 -32.60
C SER E 164 21.58 4.08 -31.27
N LEU E 165 20.80 5.16 -31.30
CA LEU E 165 20.27 5.75 -30.08
C LEU E 165 18.98 5.08 -29.62
N LEU E 166 18.26 4.39 -30.51
CA LEU E 166 17.01 3.74 -30.12
C LEU E 166 17.27 2.68 -29.06
N HIS E 167 16.81 2.93 -27.84
CA HIS E 167 17.03 2.03 -26.73
C HIS E 167 16.06 0.85 -26.80
N SER E 168 16.38 -0.20 -26.03
CA SER E 168 15.57 -1.42 -26.06
C SER E 168 14.15 -1.15 -25.60
N ASN E 169 13.97 -0.33 -24.58
CA ASN E 169 12.63 -0.07 -24.06
C ASN E 169 11.75 0.68 -25.05
N GLY E 170 12.32 1.24 -26.11
CA GLY E 170 11.54 1.91 -27.13
C GLY E 170 11.75 3.41 -27.23
N ASN E 171 12.70 3.97 -26.50
CA ASN E 171 12.96 5.41 -26.54
C ASN E 171 14.04 5.72 -27.57
N THR E 172 14.29 7.01 -27.77
CA THR E 172 15.39 7.47 -28.62
C THR E 172 15.85 8.81 -28.05
N TYR E 173 16.93 8.77 -27.26
CA TYR E 173 17.33 9.91 -26.44
C TYR E 173 18.12 10.91 -27.26
N LEU E 174 17.40 11.76 -27.99
CA LEU E 174 17.99 12.84 -28.75
C LEU E 174 17.22 14.12 -28.47
N TYR E 175 17.97 15.21 -28.30
CA TYR E 175 17.41 16.51 -27.93
C TYR E 175 17.80 17.55 -28.97
N TRP E 176 17.05 18.64 -29.01
CA TRP E 176 17.31 19.73 -29.94
C TRP E 176 17.26 21.04 -29.18
N PHE E 177 18.29 21.87 -29.34
CA PHE E 177 18.40 23.16 -28.68
C PHE E 177 18.59 24.27 -29.70
N LEU E 178 18.08 25.45 -29.36
CA LEU E 178 18.13 26.61 -30.24
C LEU E 178 18.71 27.78 -29.45
N GLN E 179 19.89 28.25 -29.86
CA GLN E 179 20.53 29.40 -29.22
C GLN E 179 20.43 30.60 -30.14
N ARG E 180 19.78 31.65 -29.67
CA ARG E 180 19.72 32.91 -30.39
C ARG E 180 20.87 33.81 -29.96
N PRO E 181 21.27 34.76 -30.81
CA PRO E 181 22.44 35.59 -30.48
C PRO E 181 22.22 36.39 -29.20
N GLY E 182 23.16 36.25 -28.27
CA GLY E 182 23.11 36.98 -27.02
C GLY E 182 22.25 36.36 -25.94
N GLN E 183 21.70 35.18 -26.17
CA GLN E 183 20.81 34.53 -25.21
C GLN E 183 21.19 33.07 -25.06
N SER E 184 20.83 32.51 -23.91
CA SER E 184 21.14 31.12 -23.61
C SER E 184 20.29 30.19 -24.47
N PRO E 185 20.70 28.93 -24.61
CA PRO E 185 19.94 28.00 -25.44
C PRO E 185 18.53 27.77 -24.92
N GLN E 186 17.74 26.96 -25.64
CA GLN E 186 16.35 26.74 -25.29
C GLN E 186 15.93 25.39 -25.84
N LEU E 187 15.18 24.64 -25.06
CA LEU E 187 14.76 23.30 -25.46
C LEU E 187 13.63 23.37 -26.47
N LEU E 188 13.75 22.62 -27.56
CA LEU E 188 12.73 22.52 -28.59
C LEU E 188 12.10 21.14 -28.68
N ILE E 189 12.91 20.11 -28.84
CA ILE E 189 12.46 18.73 -28.96
C ILE E 189 13.25 17.89 -27.97
N TYR E 190 12.57 16.97 -27.29
CA TYR E 190 13.22 16.01 -26.41
C TYR E 190 12.78 14.61 -26.82
N ARG E 191 13.75 13.70 -26.90
CA ARG E 191 13.54 12.35 -27.43
C ARG E 191 13.01 12.39 -28.87
N MET E 192 13.44 13.43 -29.61
CA MET E 192 13.37 13.56 -31.07
C MET E 192 11.97 13.67 -31.64
N SER E 193 10.93 13.53 -30.83
CA SER E 193 9.58 13.65 -31.34
C SER E 193 8.61 14.39 -30.42
N ASN E 194 9.02 14.78 -29.23
CA ASN E 194 8.13 15.37 -28.24
C ASN E 194 8.42 16.85 -28.15
N LEU E 195 7.45 17.67 -28.56
CA LEU E 195 7.62 19.11 -28.51
C LEU E 195 7.56 19.61 -27.07
N ALA E 196 8.46 20.52 -26.73
CA ALA E 196 8.52 21.06 -25.39
C ALA E 196 7.33 21.97 -25.13
N SER E 197 7.30 22.56 -23.94
CA SER E 197 6.20 23.40 -23.49
C SER E 197 6.56 24.87 -23.70
N GLY E 198 5.75 25.57 -24.48
CA GLY E 198 6.00 26.96 -24.80
C GLY E 198 6.65 27.20 -26.15
N VAL E 199 6.77 26.16 -26.98
CA VAL E 199 7.40 26.26 -28.29
C VAL E 199 6.30 26.21 -29.34
N PRO E 200 6.33 27.06 -30.37
CA PRO E 200 5.31 26.97 -31.42
C PRO E 200 5.34 25.61 -32.10
N ASP E 201 4.17 25.12 -32.44
CA ASP E 201 4.05 23.77 -33.01
C ASP E 201 4.57 23.66 -34.42
N ARG E 202 5.18 24.69 -35.03
CA ARG E 202 5.72 24.51 -36.38
C ARG E 202 6.94 23.60 -36.39
N PHE E 203 7.74 23.64 -35.33
CA PHE E 203 8.87 22.73 -35.22
C PHE E 203 8.38 21.29 -35.09
N SER E 204 9.11 20.37 -35.71
CA SER E 204 8.78 18.95 -35.63
C SER E 204 10.06 18.14 -35.72
N GLY E 205 10.09 17.03 -34.98
CA GLY E 205 11.26 16.16 -34.93
C GLY E 205 10.95 14.81 -35.54
N SER E 206 11.97 14.20 -36.13
CA SER E 206 11.82 12.92 -36.82
C SER E 206 13.13 12.16 -36.68
N GLY E 207 13.32 11.13 -37.50
CA GLY E 207 14.54 10.34 -37.51
C GLY E 207 14.29 8.90 -37.11
N SER E 208 15.33 8.09 -37.27
CA SER E 208 15.26 6.67 -36.95
C SER E 208 16.66 6.13 -36.79
N GLY E 209 17.00 5.69 -35.58
CA GLY E 209 18.25 4.98 -35.35
C GLY E 209 19.46 5.87 -35.21
N THR E 210 19.96 6.40 -36.33
CA THR E 210 21.19 7.19 -36.31
C THR E 210 21.13 8.47 -37.12
N ALA E 211 20.14 8.65 -37.99
CA ALA E 211 19.98 9.89 -38.76
C ALA E 211 18.69 10.56 -38.33
N PHE E 212 18.76 11.83 -37.96
CA PHE E 212 17.62 12.56 -37.43
C PHE E 212 17.50 13.90 -38.16
N THR E 213 16.25 14.35 -38.31
CA THR E 213 15.99 15.59 -39.03
C THR E 213 14.96 16.40 -38.27
N LEU E 214 15.22 17.70 -38.14
CA LEU E 214 14.28 18.66 -37.55
C LEU E 214 13.73 19.50 -38.69
N THR E 215 12.41 19.53 -38.82
CA THR E 215 11.75 20.25 -39.89
C THR E 215 11.04 21.48 -39.35
N ILE E 216 11.19 22.60 -40.04
CA ILE E 216 10.57 23.86 -39.65
C ILE E 216 9.69 24.35 -40.80
N SER E 217 8.54 24.89 -40.45
CA SER E 217 7.58 25.39 -41.43
C SER E 217 7.07 26.75 -40.98
N ARG E 218 6.66 27.57 -41.95
CA ARG E 218 6.19 28.93 -41.68
C ARG E 218 7.25 29.72 -40.91
N LEU E 219 8.48 29.64 -41.40
CA LEU E 219 9.60 30.27 -40.71
C LEU E 219 9.36 31.77 -40.55
N GLU E 220 9.72 32.29 -39.38
CA GLU E 220 9.62 33.71 -39.07
C GLU E 220 11.01 34.28 -38.82
N ALA E 221 11.05 35.56 -38.46
CA ALA E 221 12.32 36.24 -38.19
C ALA E 221 12.83 35.99 -36.77
N GLU E 222 12.05 35.31 -35.92
CA GLU E 222 12.46 34.99 -34.57
C GLU E 222 13.02 33.58 -34.44
N ASP E 223 13.46 33.00 -35.55
CA ASP E 223 14.02 31.65 -35.57
C ASP E 223 15.45 31.65 -36.10
N VAL E 224 16.18 32.74 -35.85
CA VAL E 224 17.55 32.90 -36.33
C VAL E 224 18.49 32.56 -35.19
N GLY E 225 19.39 31.61 -35.42
CA GLY E 225 20.32 31.19 -34.39
C GLY E 225 21.02 29.91 -34.78
N VAL E 226 21.54 29.21 -33.78
CA VAL E 226 22.31 27.99 -33.97
C VAL E 226 21.55 26.85 -33.32
N TYR E 227 21.49 25.71 -34.01
CA TYR E 227 20.69 24.56 -33.60
C TYR E 227 21.62 23.41 -33.28
N TYR E 228 21.50 22.86 -32.07
CA TYR E 228 22.36 21.80 -31.59
C TYR E 228 21.56 20.53 -31.33
N CYS E 229 22.18 19.38 -31.59
CA CYS E 229 21.65 18.09 -31.20
C CYS E 229 22.50 17.48 -30.09
N MET E 230 21.85 16.77 -29.19
CA MET E 230 22.51 16.17 -28.04
C MET E 230 21.94 14.79 -27.81
N GLN E 231 22.73 13.92 -27.19
CA GLN E 231 22.34 12.56 -26.88
C GLN E 231 22.37 12.36 -25.37
N HIS E 232 21.31 11.76 -24.84
CA HIS E 232 21.23 11.43 -23.42
C HIS E 232 21.24 9.94 -23.17
N LEU E 233 21.62 9.14 -24.16
CA LEU E 233 21.58 7.69 -24.00
C LEU E 233 22.55 7.21 -22.92
N GLU E 234 23.77 7.74 -22.92
CA GLU E 234 24.77 7.34 -21.93
C GLU E 234 25.76 8.47 -21.76
N TYR E 235 26.29 8.58 -20.55
CA TYR E 235 27.26 9.62 -20.27
C TYR E 235 28.63 9.25 -20.85
N PRO E 236 29.45 10.25 -21.23
CA PRO E 236 29.17 11.68 -21.15
C PRO E 236 28.20 12.15 -22.22
N LEU E 237 27.57 13.30 -22.01
CA LEU E 237 26.66 13.87 -23.00
C LEU E 237 27.47 14.67 -24.01
N THR E 238 27.14 14.49 -25.29
CA THR E 238 27.92 15.05 -26.38
C THR E 238 27.02 15.88 -27.28
N PHE E 239 27.45 17.09 -27.60
CA PHE E 239 26.71 18.01 -28.44
C PHE E 239 27.24 17.97 -29.87
N GLY E 240 26.46 18.55 -30.79
CA GLY E 240 26.87 18.66 -32.16
C GLY E 240 27.68 19.92 -32.42
N ALA E 241 28.20 20.01 -33.64
CA ALA E 241 28.99 21.19 -34.02
C ALA E 241 28.13 22.45 -33.98
N GLY E 242 26.89 22.36 -34.44
CA GLY E 242 25.97 23.46 -34.40
C GLY E 242 25.68 24.05 -35.76
N THR E 243 24.54 23.69 -36.35
CA THR E 243 24.12 24.29 -37.60
C THR E 243 23.63 25.71 -37.36
N LYS E 244 23.97 26.61 -38.28
CA LYS E 244 23.61 28.02 -38.16
C LYS E 244 22.64 28.39 -39.28
N LEU E 245 21.61 29.16 -38.94
CA LEU E 245 20.64 29.66 -39.90
C LEU E 245 20.89 31.14 -40.14
N GLU E 246 21.10 31.50 -41.39
CA GLU E 246 21.38 32.87 -41.78
C GLU E 246 20.16 33.49 -42.47
N LEU E 247 20.02 34.80 -42.30
CA LEU E 247 18.90 35.54 -42.91
C LEU E 247 19.25 35.82 -44.36
N LYS E 248 18.61 35.10 -45.27
CA LYS E 248 18.85 35.21 -46.70
C LYS E 248 20.33 35.40 -47.03
C13 5YM F . 29.20 -28.12 21.15
C12 5YM F . 28.06 -28.02 22.15
C11 5YM F . 27.55 -26.60 22.40
C10 5YM F . 26.23 -26.59 23.17
C14 5YM F . 29.41 -29.59 20.79
C15 5YM F . 30.63 -29.88 19.91
C21 5YM F . 31.73 -35.27 16.72
C16 5YM F . 30.34 -31.04 18.97
C17 5YM F . 31.58 -31.86 18.65
C18 5YM F . 31.24 -32.98 17.68
C22 5YM F . 32.96 -36.17 16.61
C01 5YM F . 25.80 -16.16 22.59
C02 5YM F . 25.16 -17.54 22.70
C03 5YM F . 26.12 -18.57 23.28
C04 5YM F . 25.39 -19.79 23.83
C05 5YM F . 26.32 -20.92 24.24
C06 5YM F . 25.54 -22.20 24.52
C07 5YM F . 26.43 -23.35 24.99
C08 5YM F . 26.76 -24.30 23.86
C09 5YM F . 25.87 -25.53 23.86
N20 5YM F . 32.05 -34.19 17.64
O19 5YM F . 30.31 -32.87 16.94
O23 5YM F . 32.71 -37.38 17.28
#